data_7O8C
#
_entry.id   7O8C
#
_cell.length_a   207.120
_cell.length_b   207.120
_cell.length_c   170.584
_cell.angle_alpha   90.000
_cell.angle_beta   90.000
_cell.angle_gamma   90.000
#
_symmetry.space_group_name_H-M   'I 4 2 2'
#
loop_
_entity.id
_entity.type
_entity.pdbx_description
1 polymer 'Surface glycan-binding protein BO2743'
2 non-polymer '2-HYDROXYETHYL DISULFIDE'
3 non-polymer BETA-MERCAPTOETHANOL
4 non-polymer 'SULFATE ION'
5 non-polymer GLYCEROL
6 non-polymer 'AZIDE ION'
7 water water
#
_entity_poly.entity_id   1
_entity_poly.type   'polypeptide(L)'
_entity_poly.pdbx_seq_one_letter_code
;MHHHHHHSSGVDNKFNKERRRARREIRHLPNLNREQRRAFIRSLRDDPSQSANLLAEAKKLNDAQPKGTENLYFQSMIDP
NAQLTTAQLQTYGDLSMMEIYRNYHYAFTQQLMGCWNTTNYGGRHTLDNNEMSRIWTSFYTQSLKNIIDAQYRTAEDAEK
VNINSVLRIYRVYLMSIITDTYGDAPFSEAGLGFLEGKFNPKYDKQEDIYNAFFLELEDAVNKIDPTKDKVTGDLIYAGD
VTKWQQLANSLRLRFAMRISSVNPTKAQTEFENALAANGGVITDASSDALIKYMTIAFSFGQEAYSDYRGNSLSQLLFGN
DPANNPSYLCSTFFNQLYNSGDPRTFKISRCYYDGLMSATSPDNRVDITQEMIEKGIAFSPRDPGAYSWEPWPTGYDSDI
CAELAVNNPSVTATMAREVEPKLANNFLKSDNPGVVMTSAEVKFLMAEATVKKWNVGSVSAEDLYKQGVRAAIDFLTDNY
GCTATTDAEFDAFIQDKGAFGHTDNQKLEAINTQAWILHFTNPAECWANVRRSGYPKLKSPAEYGFGQYLTGGTEIPVRL
CYPVLESSYNKKSYNEAIERMGGTDNWHSLLWWDTENQ
;
_entity_poly.pdbx_strand_id   A,B
#
loop_
_chem_comp.id
_chem_comp.type
_chem_comp.name
_chem_comp.formula
AZI non-polymer 'AZIDE ION' 'N3 -1'
BME non-polymer BETA-MERCAPTOETHANOL 'C2 H6 O S'
GOL non-polymer GLYCEROL 'C3 H8 O3'
HED non-polymer '2-HYDROXYETHYL DISULFIDE' 'C4 H10 O2 S2'
SO4 non-polymer 'SULFATE ION' 'O4 S -2'
#
# COMPACT_ATOMS: atom_id res chain seq x y z
N PHE A 15 20.03 32.73 -14.94
CA PHE A 15 21.34 32.33 -15.44
C PHE A 15 22.45 33.00 -14.62
N ASN A 16 22.96 32.27 -13.63
CA ASN A 16 23.93 32.76 -12.64
C ASN A 16 25.13 31.82 -12.63
N LYS A 17 26.31 32.38 -12.30
CA LYS A 17 27.58 31.69 -12.52
C LYS A 17 27.60 30.27 -11.95
N GLU A 18 27.19 30.12 -10.69
CA GLU A 18 27.17 28.82 -10.04
C GLU A 18 26.16 27.89 -10.69
N ARG A 19 24.98 28.43 -11.04
CA ARG A 19 23.91 27.64 -11.62
C ARG A 19 24.34 26.98 -12.92
N ARG A 20 25.01 27.75 -13.79
CA ARG A 20 25.32 27.26 -15.12
C ARG A 20 26.41 26.20 -15.08
N ARG A 21 27.41 26.40 -14.21
CA ARG A 21 28.45 25.40 -14.02
C ARG A 21 27.86 24.09 -13.51
N ALA A 22 26.87 24.17 -12.61
CA ALA A 22 26.30 22.96 -12.04
C ALA A 22 25.47 22.22 -13.07
N ARG A 23 24.72 22.95 -13.90
CA ARG A 23 23.88 22.32 -14.92
C ARG A 23 24.72 21.51 -15.90
N ARG A 24 25.85 22.09 -16.34
CA ARG A 24 26.74 21.41 -17.27
C ARG A 24 27.25 20.10 -16.69
N GLU A 25 27.71 20.14 -15.43
CA GLU A 25 28.26 18.93 -14.82
C GLU A 25 27.19 17.85 -14.70
N ILE A 26 25.94 18.25 -14.46
CA ILE A 26 24.86 17.30 -14.27
C ILE A 26 24.47 16.68 -15.61
N ARG A 27 24.46 17.48 -16.67
CA ARG A 27 24.15 16.93 -17.99
C ARG A 27 25.16 15.87 -18.39
N HIS A 28 26.31 15.82 -17.71
CA HIS A 28 27.45 14.96 -18.07
C HIS A 28 27.56 13.77 -17.19
N LEU A 29 26.73 13.68 -16.19
CA LEU A 29 26.86 12.58 -15.27
C LEU A 29 26.32 11.34 -16.00
N PRO A 30 27.12 10.30 -16.19
CA PRO A 30 26.75 9.23 -17.11
C PRO A 30 25.62 8.35 -16.60
N ASN A 31 25.38 8.28 -15.29
CA ASN A 31 24.48 7.26 -14.75
C ASN A 31 23.08 7.78 -14.40
N LEU A 32 22.81 9.08 -14.52
CA LEU A 32 21.45 9.55 -14.24
C LEU A 32 20.60 9.26 -15.47
N ASN A 33 19.37 8.82 -15.27
CA ASN A 33 18.47 8.71 -16.40
C ASN A 33 17.85 10.08 -16.72
N ARG A 34 16.99 10.08 -17.74
CA ARG A 34 16.52 11.34 -18.30
C ARG A 34 15.65 12.11 -17.31
N GLU A 35 14.69 11.42 -16.68
CA GLU A 35 13.85 12.12 -15.72
C GLU A 35 14.65 12.60 -14.52
N GLN A 36 15.71 11.88 -14.13
CA GLN A 36 16.56 12.38 -13.05
C GLN A 36 17.28 13.66 -13.45
N ARG A 37 17.87 13.69 -14.64
CA ARG A 37 18.54 14.88 -15.15
C ARG A 37 17.58 16.06 -15.27
N ARG A 38 16.40 15.83 -15.83
CA ARG A 38 15.44 16.92 -15.99
C ARG A 38 15.01 17.47 -14.63
N ALA A 39 14.85 16.58 -13.63
CA ALA A 39 14.46 17.06 -12.30
C ALA A 39 15.54 17.94 -11.68
N PHE A 40 16.80 17.51 -11.78
CA PHE A 40 17.89 18.34 -11.25
C PHE A 40 17.98 19.67 -12.00
N ILE A 41 17.81 19.65 -13.32
CA ILE A 41 17.85 20.91 -14.08
C ILE A 41 16.77 21.85 -13.59
N ARG A 42 15.54 21.33 -13.44
CA ARG A 42 14.42 22.14 -13.01
C ARG A 42 14.65 22.70 -11.61
N SER A 43 15.26 21.90 -10.72
CA SER A 43 15.54 22.36 -9.37
C SER A 43 16.57 23.49 -9.39
N LEU A 44 17.47 23.49 -10.38
CA LEU A 44 18.45 24.57 -10.48
C LEU A 44 17.77 25.86 -10.92
N ARG A 45 16.85 25.78 -11.88
CA ARG A 45 16.07 26.94 -12.26
C ARG A 45 15.28 27.49 -11.07
N ASP A 46 14.63 26.61 -10.31
CA ASP A 46 13.72 27.06 -9.26
C ASP A 46 14.45 27.62 -8.04
N ASP A 47 15.70 27.23 -7.81
CA ASP A 47 16.42 27.63 -6.59
C ASP A 47 17.91 27.71 -6.89
N PRO A 48 18.35 28.77 -7.57
CA PRO A 48 19.76 28.83 -8.00
C PRO A 48 20.74 28.82 -6.85
N SER A 49 20.33 29.27 -5.67
CA SER A 49 21.24 29.29 -4.53
C SER A 49 21.64 27.90 -4.09
N GLN A 50 20.82 26.90 -4.40
CA GLN A 50 21.09 25.53 -4.00
C GLN A 50 21.98 24.80 -4.98
N SER A 51 22.60 25.53 -5.91
CA SER A 51 23.35 24.89 -7.00
C SER A 51 24.42 23.96 -6.47
N ALA A 52 25.16 24.40 -5.44
CA ALA A 52 26.23 23.58 -4.91
C ALA A 52 25.67 22.31 -4.26
N ASN A 53 24.59 22.46 -3.48
CA ASN A 53 23.94 21.30 -2.89
C ASN A 53 23.44 20.35 -3.96
N LEU A 54 22.65 20.88 -4.90
CA LEU A 54 22.06 20.05 -5.96
C LEU A 54 23.14 19.28 -6.71
N LEU A 55 24.24 19.96 -7.04
CA LEU A 55 25.35 19.30 -7.72
C LEU A 55 25.88 18.11 -6.92
N ALA A 56 25.98 18.28 -5.59
CA ALA A 56 26.53 17.19 -4.77
C ALA A 56 25.57 16.01 -4.66
N GLU A 57 24.26 16.27 -4.54
CA GLU A 57 23.33 15.15 -4.49
C GLU A 57 23.26 14.44 -5.84
N ALA A 58 23.44 15.19 -6.93
CA ALA A 58 23.51 14.54 -8.24
C ALA A 58 24.68 13.56 -8.31
N LYS A 59 25.85 13.95 -7.80
CA LYS A 59 27.01 13.07 -7.88
C LYS A 59 26.82 11.80 -7.05
N LYS A 60 26.31 11.96 -5.82
CA LYS A 60 25.95 10.83 -4.98
C LYS A 60 25.06 9.86 -5.73
N LEU A 61 23.98 10.39 -6.31
CA LEU A 61 23.04 9.56 -7.06
C LEU A 61 23.72 8.87 -8.23
N ASN A 62 24.54 9.62 -8.97
CA ASN A 62 25.30 9.05 -10.09
C ASN A 62 26.17 7.89 -9.61
N ASP A 63 26.90 8.09 -8.51
CA ASP A 63 27.78 7.04 -7.99
C ASP A 63 26.98 5.80 -7.58
N ALA A 64 25.75 5.99 -7.10
CA ALA A 64 24.99 4.83 -6.63
C ALA A 64 24.32 4.05 -7.75
N GLN A 65 24.47 4.47 -9.00
CA GLN A 65 23.77 3.82 -10.10
C GLN A 65 24.72 3.30 -11.19
N PRO A 66 25.76 2.49 -10.84
CA PRO A 66 26.75 2.10 -11.84
C PRO A 66 26.19 1.27 -12.98
N LYS A 67 25.94 -0.02 -12.72
CA LYS A 67 25.27 -0.82 -13.75
C LYS A 67 23.77 -0.59 -13.74
N GLY A 68 23.17 -0.48 -12.56
CA GLY A 68 21.78 -0.10 -12.38
C GLY A 68 20.74 -0.73 -13.29
N THR A 69 20.40 -0.01 -14.37
CA THR A 69 19.38 -0.33 -15.38
C THR A 69 18.20 -1.14 -14.85
N GLU A 70 18.38 -2.45 -14.63
CA GLU A 70 17.27 -3.33 -14.23
C GLU A 70 16.61 -2.84 -12.94
N ASN A 71 17.41 -2.72 -11.87
CA ASN A 71 16.96 -2.06 -10.64
C ASN A 71 16.27 -0.74 -10.96
N LEU A 72 16.99 0.18 -11.61
CA LEU A 72 16.54 1.52 -11.92
C LEU A 72 15.14 1.58 -12.52
N TYR A 73 15.02 1.09 -13.75
CA TYR A 73 13.83 1.31 -14.56
C TYR A 73 13.65 0.20 -15.58
N PHE A 74 14.77 -0.35 -16.04
CA PHE A 74 14.82 -0.90 -17.40
C PHE A 74 14.00 -2.19 -17.54
N GLN A 75 13.69 -2.89 -16.46
CA GLN A 75 12.74 -4.01 -16.59
C GLN A 75 11.32 -3.61 -16.20
N SER A 76 11.13 -3.12 -14.98
CA SER A 76 9.79 -2.74 -14.54
C SER A 76 9.36 -1.41 -15.16
N MET A 77 9.64 -1.20 -16.44
CA MET A 77 9.38 0.07 -17.09
C MET A 77 7.90 0.17 -17.45
N ILE A 78 7.11 0.57 -16.44
CA ILE A 78 5.78 1.10 -16.73
C ILE A 78 5.97 2.40 -17.50
N ASP A 79 5.47 2.43 -18.74
CA ASP A 79 5.65 3.60 -19.58
C ASP A 79 4.75 4.74 -19.11
N PRO A 80 4.99 5.98 -19.60
CA PRO A 80 4.18 7.12 -19.15
C PRO A 80 2.68 6.99 -19.38
N ASN A 81 2.25 6.33 -20.46
CA ASN A 81 0.82 6.16 -20.70
C ASN A 81 0.20 5.23 -19.67
N ALA A 82 0.90 4.17 -19.27
CA ALA A 82 0.39 3.28 -18.23
C ALA A 82 0.29 4.00 -16.89
N GLN A 83 1.25 4.87 -16.58
CA GLN A 83 1.17 5.66 -15.34
C GLN A 83 -0.06 6.55 -15.32
N LEU A 84 -0.45 7.10 -16.49
CA LEU A 84 -1.73 7.78 -16.56
C LEU A 84 -2.87 6.86 -16.16
N THR A 85 -2.94 5.66 -16.78
CA THR A 85 -4.06 4.76 -16.49
C THR A 85 -4.15 4.45 -15.00
N THR A 86 -3.01 4.12 -14.40
CA THR A 86 -3.00 3.78 -12.99
C THR A 86 -3.45 4.95 -12.13
N ALA A 87 -2.98 6.16 -12.45
CA ALA A 87 -3.40 7.34 -11.68
C ALA A 87 -4.90 7.58 -11.79
N GLN A 88 -5.46 7.43 -12.99
CA GLN A 88 -6.90 7.60 -13.12
C GLN A 88 -7.65 6.52 -12.35
N LEU A 89 -7.23 5.26 -12.47
CA LEU A 89 -7.87 4.19 -11.71
C LEU A 89 -7.80 4.45 -10.20
N GLN A 90 -6.66 4.92 -9.70
CA GLN A 90 -6.53 5.15 -8.25
C GLN A 90 -7.47 6.24 -7.74
N THR A 91 -7.84 7.20 -8.60
CA THR A 91 -8.57 8.38 -8.14
C THR A 91 -9.85 8.02 -7.37
N TYR A 92 -10.60 7.04 -7.87
CA TYR A 92 -11.75 6.52 -7.14
C TYR A 92 -11.70 5.01 -6.91
N GLY A 93 -10.68 4.32 -7.40
CA GLY A 93 -10.65 2.88 -7.30
C GLY A 93 -9.89 2.36 -6.10
N ASP A 94 -9.18 3.26 -5.40
CA ASP A 94 -8.36 2.94 -4.24
C ASP A 94 -9.24 2.85 -2.99
N LEU A 95 -9.50 1.61 -2.56
CA LEU A 95 -10.45 1.36 -1.50
C LEU A 95 -9.99 1.94 -0.16
N SER A 96 -8.70 1.89 0.13
CA SER A 96 -8.23 2.51 1.37
C SER A 96 -8.44 4.02 1.34
N MET A 97 -8.21 4.66 0.20
CA MET A 97 -8.34 6.12 0.15
C MET A 97 -9.78 6.58 0.27
N MET A 98 -10.72 5.83 -0.32
CA MET A 98 -12.11 6.29 -0.41
C MET A 98 -12.76 6.41 0.96
N GLU A 99 -12.23 5.72 1.97
CA GLU A 99 -12.73 5.83 3.33
C GLU A 99 -12.77 7.27 3.81
N ILE A 100 -11.86 8.12 3.33
CA ILE A 100 -11.80 9.49 3.82
C ILE A 100 -13.07 10.24 3.47
N TYR A 101 -13.67 9.92 2.32
CA TYR A 101 -14.86 10.66 1.88
C TYR A 101 -16.08 10.25 2.68
N ARG A 102 -16.24 8.93 2.91
CA ARG A 102 -17.35 8.49 3.75
C ARG A 102 -17.16 8.94 5.19
N ASN A 103 -15.92 8.95 5.67
CA ASN A 103 -15.68 9.32 7.07
C ASN A 103 -15.85 10.81 7.31
N TYR A 104 -15.37 11.66 6.39
CA TYR A 104 -15.30 13.10 6.66
C TYR A 104 -16.12 13.92 5.68
N HIS A 105 -15.80 13.87 4.37
CA HIS A 105 -16.35 14.84 3.42
C HIS A 105 -17.88 14.83 3.43
N TYR A 106 -18.48 13.65 3.27
CA TYR A 106 -19.93 13.59 3.17
C TYR A 106 -20.63 14.08 4.43
N ALA A 107 -19.96 13.99 5.60
CA ALA A 107 -20.53 14.60 6.79
C ALA A 107 -20.32 16.11 6.81
N PHE A 108 -19.12 16.59 6.43
CA PHE A 108 -18.85 18.02 6.45
C PHE A 108 -19.79 18.78 5.50
N THR A 109 -20.14 18.17 4.36
CA THR A 109 -21.07 18.77 3.41
C THR A 109 -22.52 18.47 3.77
N GLN A 110 -22.76 17.66 4.80
CA GLN A 110 -24.10 17.36 5.31
C GLN A 110 -24.97 16.77 4.23
N GLN A 111 -24.40 15.88 3.43
CA GLN A 111 -25.17 15.06 2.50
C GLN A 111 -25.46 13.66 3.02
N LEU A 112 -24.51 13.03 3.74
CA LEU A 112 -24.73 11.74 4.39
C LEU A 112 -24.52 11.87 5.89
N MET A 113 -25.37 11.19 6.66
CA MET A 113 -25.24 11.17 8.10
C MET A 113 -26.03 9.97 8.63
N GLY A 114 -25.47 9.25 9.60
CA GLY A 114 -26.20 8.15 10.22
C GLY A 114 -25.41 6.86 10.25
N CYS A 115 -24.74 6.56 9.15
CA CYS A 115 -23.75 5.51 9.12
C CYS A 115 -22.73 5.74 10.24
N TRP A 116 -22.37 4.66 10.95
CA TRP A 116 -21.46 4.82 12.08
C TRP A 116 -20.21 5.60 11.68
N ASN A 117 -19.59 5.23 10.57
CA ASN A 117 -18.34 5.88 10.15
C ASN A 117 -18.54 7.38 9.95
N THR A 118 -19.61 7.72 9.22
CA THR A 118 -19.81 9.10 8.82
C THR A 118 -20.14 9.98 10.02
N THR A 119 -20.95 9.48 10.93
CA THR A 119 -21.31 10.25 12.11
C THR A 119 -20.13 10.32 13.08
N ASN A 120 -19.43 9.21 13.31
CA ASN A 120 -18.38 9.18 14.31
C ASN A 120 -17.23 10.12 13.95
N TYR A 121 -16.76 10.05 12.71
CA TYR A 121 -15.60 10.83 12.32
C TYR A 121 -15.99 12.25 11.90
N GLY A 122 -16.67 12.40 10.77
CA GLY A 122 -17.00 13.73 10.28
C GLY A 122 -18.16 14.36 11.02
N GLY A 123 -19.16 13.55 11.37
CA GLY A 123 -20.35 14.11 11.98
C GLY A 123 -20.16 14.60 13.40
N ARG A 124 -19.14 14.09 14.10
CA ARG A 124 -18.90 14.49 15.48
C ARG A 124 -17.49 15.03 15.67
N HIS A 125 -16.83 15.40 14.56
CA HIS A 125 -15.56 16.11 14.56
C HIS A 125 -14.48 15.35 15.35
N THR A 126 -14.32 14.07 15.01
CA THR A 126 -13.28 13.23 15.63
C THR A 126 -11.98 13.37 14.83
N LEU A 127 -10.97 13.92 15.48
CA LEU A 127 -9.63 13.95 14.92
C LEU A 127 -9.05 12.54 14.97
N ASP A 128 -8.79 11.96 13.81
CA ASP A 128 -8.13 10.66 13.74
C ASP A 128 -7.04 10.77 12.67
N ASN A 129 -5.77 10.71 13.10
CA ASN A 129 -4.67 10.94 12.19
C ASN A 129 -4.69 9.97 11.03
N ASN A 130 -4.87 8.68 11.34
CA ASN A 130 -4.81 7.68 10.28
CA ASN A 130 -4.84 7.65 10.30
C ASN A 130 -5.94 7.87 9.27
N GLU A 131 -7.13 8.28 9.72
CA GLU A 131 -8.22 8.46 8.76
C GLU A 131 -8.02 9.73 7.92
N MET A 132 -7.47 10.78 8.53
CA MET A 132 -7.19 12.01 7.79
C MET A 132 -6.06 11.84 6.79
N SER A 133 -5.18 10.84 6.97
CA SER A 133 -3.97 10.73 6.19
C SER A 133 -4.17 10.10 4.82
N ARG A 134 -5.38 9.63 4.48
CA ARG A 134 -5.50 8.65 3.41
C ARG A 134 -5.20 9.23 2.03
N ILE A 135 -5.64 10.46 1.76
CA ILE A 135 -5.32 11.10 0.49
C ILE A 135 -3.82 11.37 0.40
N TRP A 136 -3.25 11.95 1.45
CA TRP A 136 -1.82 12.18 1.51
C TRP A 136 -1.04 10.91 1.20
N THR A 137 -1.30 9.83 1.93
CA THR A 137 -0.44 8.66 1.77
C THR A 137 -0.66 7.99 0.42
N SER A 138 -1.91 7.89 -0.04
CA SER A 138 -2.20 7.21 -1.30
C SER A 138 -1.58 7.94 -2.48
N PHE A 139 -1.71 9.28 -2.51
CA PHE A 139 -1.21 10.02 -3.66
C PHE A 139 0.31 10.14 -3.64
N TYR A 140 0.89 10.50 -2.50
CA TYR A 140 2.34 10.70 -2.49
C TYR A 140 3.13 9.38 -2.54
N THR A 141 2.51 8.24 -2.23
CA THR A 141 3.27 7.01 -2.42
C THR A 141 3.05 6.41 -3.80
N GLN A 142 1.91 6.71 -4.43
CA GLN A 142 1.57 6.10 -5.71
C GLN A 142 1.34 7.19 -6.72
N SER A 143 0.10 7.60 -6.99
CA SER A 143 -0.24 8.20 -8.27
C SER A 143 0.43 9.55 -8.49
N LEU A 144 0.46 10.42 -7.48
CA LEU A 144 1.13 11.69 -7.72
C LEU A 144 2.62 11.47 -7.96
N LYS A 145 3.24 10.55 -7.21
CA LYS A 145 4.64 10.22 -7.43
C LYS A 145 4.88 9.66 -8.82
N ASN A 146 4.03 8.73 -9.24
CA ASN A 146 4.17 8.14 -10.57
C ASN A 146 3.97 9.18 -11.67
N ILE A 147 2.96 10.05 -11.52
CA ILE A 147 2.67 11.06 -12.52
C ILE A 147 3.84 12.04 -12.65
N ILE A 148 4.42 12.43 -11.51
CA ILE A 148 5.55 13.35 -11.53
C ILE A 148 6.76 12.70 -12.22
N ASP A 149 7.00 11.42 -11.95
CA ASP A 149 8.12 10.74 -12.60
C ASP A 149 7.87 10.61 -14.10
N ALA A 150 6.65 10.21 -14.49
CA ALA A 150 6.32 10.16 -15.91
C ALA A 150 6.39 11.54 -16.56
N GLN A 151 5.99 12.59 -15.85
CA GLN A 151 6.06 13.94 -16.42
C GLN A 151 7.50 14.32 -16.76
N TYR A 152 8.42 14.05 -15.83
CA TYR A 152 9.82 14.40 -16.07
C TYR A 152 10.39 13.55 -17.19
N ARG A 153 9.96 12.30 -17.30
CA ARG A 153 10.49 11.44 -18.33
C ARG A 153 10.07 11.88 -19.73
N THR A 154 8.94 12.58 -19.86
CA THR A 154 8.46 13.02 -21.16
C THR A 154 8.62 14.51 -21.37
N ALA A 155 9.20 15.22 -20.41
CA ALA A 155 9.27 16.66 -20.53
C ALA A 155 10.29 17.08 -21.58
N GLU A 156 10.08 18.26 -22.15
CA GLU A 156 10.99 18.85 -23.15
C GLU A 156 11.30 17.86 -24.27
N ASP A 157 10.29 17.12 -24.74
CA ASP A 157 10.47 16.16 -25.81
C ASP A 157 9.36 16.36 -26.83
N ALA A 158 9.73 16.84 -28.02
CA ALA A 158 8.75 17.28 -29.01
C ALA A 158 7.89 16.13 -29.51
N GLU A 159 8.35 14.91 -29.41
CA GLU A 159 7.58 13.78 -29.89
C GLU A 159 6.65 13.20 -28.85
N LYS A 160 6.61 13.77 -27.65
CA LYS A 160 5.75 13.25 -26.58
C LYS A 160 4.99 14.39 -25.90
N VAL A 161 4.74 15.48 -26.61
CA VAL A 161 4.12 16.65 -26.00
C VAL A 161 2.70 16.35 -25.52
N ASN A 162 2.02 15.36 -26.14
CA ASN A 162 0.62 15.10 -25.76
C ASN A 162 0.52 14.31 -24.47
N ILE A 163 1.23 13.18 -24.35
CA ILE A 163 1.24 12.48 -23.07
C ILE A 163 1.83 13.38 -21.98
N ASN A 164 2.84 14.19 -22.32
CA ASN A 164 3.41 15.09 -21.33
C ASN A 164 2.38 16.13 -20.88
N SER A 165 1.61 16.69 -21.81
CA SER A 165 0.66 17.73 -21.43
C SER A 165 -0.50 17.14 -20.63
N VAL A 166 -0.96 15.96 -21.04
CA VAL A 166 -2.00 15.26 -20.28
C VAL A 166 -1.51 14.95 -18.87
N LEU A 167 -0.27 14.45 -18.73
CA LEU A 167 0.27 14.18 -17.39
C LEU A 167 0.32 15.44 -16.56
N ARG A 168 0.73 16.57 -17.15
CA ARG A 168 0.78 17.84 -16.43
C ARG A 168 -0.61 18.29 -15.98
N ILE A 169 -1.62 18.03 -16.81
CA ILE A 169 -2.98 18.38 -16.43
C ILE A 169 -3.45 17.49 -15.28
N TYR A 170 -3.23 16.18 -15.38
CA TYR A 170 -3.66 15.30 -14.31
C TYR A 170 -2.84 15.49 -13.03
N ARG A 171 -1.55 15.84 -13.16
CA ARG A 171 -0.78 16.24 -11.99
C ARG A 171 -1.44 17.40 -11.26
N VAL A 172 -1.88 18.41 -12.02
CA VAL A 172 -2.56 19.55 -11.40
C VAL A 172 -3.85 19.09 -10.72
N TYR A 173 -4.60 18.20 -11.38
CA TYR A 173 -5.84 17.76 -10.77
C TYR A 173 -5.57 17.03 -9.45
N LEU A 174 -4.65 16.06 -9.46
CA LEU A 174 -4.35 15.34 -8.21
C LEU A 174 -3.83 16.28 -7.13
N MET A 175 -2.95 17.22 -7.50
CA MET A 175 -2.44 18.17 -6.51
C MET A 175 -3.55 19.07 -5.97
N SER A 176 -4.53 19.42 -6.80
CA SER A 176 -5.63 20.24 -6.31
C SER A 176 -6.45 19.53 -5.24
N ILE A 177 -6.64 18.21 -5.37
CA ILE A 177 -7.27 17.47 -4.27
C ILE A 177 -6.44 17.60 -3.01
N ILE A 178 -5.12 17.43 -3.13
CA ILE A 178 -4.26 17.44 -1.94
C ILE A 178 -4.31 18.80 -1.25
N THR A 179 -4.09 19.88 -2.00
CA THR A 179 -4.03 21.19 -1.36
C THR A 179 -5.40 21.65 -0.84
N ASP A 180 -6.48 21.36 -1.58
CA ASP A 180 -7.81 21.68 -1.06
C ASP A 180 -8.18 20.85 0.17
N THR A 181 -7.46 19.77 0.44
CA THR A 181 -7.68 18.98 1.65
C THR A 181 -6.84 19.49 2.82
N TYR A 182 -5.53 19.62 2.60
CA TYR A 182 -4.57 19.87 3.66
C TYR A 182 -3.97 21.26 3.67
N GLY A 183 -4.03 21.99 2.55
CA GLY A 183 -3.43 23.32 2.49
C GLY A 183 -2.04 23.28 1.87
N ASP A 184 -1.07 23.93 2.53
CA ASP A 184 0.31 23.90 2.04
C ASP A 184 0.77 22.45 1.97
N ALA A 185 1.47 22.10 0.90
CA ALA A 185 1.81 20.68 0.72
C ALA A 185 2.90 20.58 -0.33
N PRO A 186 3.71 19.51 -0.27
CA PRO A 186 4.70 19.24 -1.33
C PRO A 186 4.08 19.21 -2.72
N PHE A 187 4.73 19.92 -3.64
CA PHE A 187 4.35 19.99 -5.05
C PHE A 187 5.61 20.14 -5.89
N SER A 188 6.20 21.35 -5.85
CA SER A 188 7.43 21.59 -6.61
C SER A 188 8.55 20.60 -6.23
N GLU A 189 8.65 20.23 -4.95
CA GLU A 189 9.67 19.27 -4.55
C GLU A 189 9.12 17.87 -4.32
N ALA A 190 7.86 17.61 -4.64
CA ALA A 190 7.30 16.28 -4.47
C ALA A 190 7.91 15.32 -5.47
N GLY A 191 7.97 14.04 -5.07
CA GLY A 191 8.42 12.99 -5.98
C GLY A 191 9.90 12.94 -6.27
N LEU A 192 10.72 13.61 -5.48
CA LEU A 192 12.14 13.74 -5.78
C LEU A 192 13.01 12.74 -5.03
N GLY A 193 12.42 11.76 -4.36
CA GLY A 193 13.24 10.73 -3.74
C GLY A 193 13.93 9.85 -4.77
N PHE A 194 13.15 9.28 -5.70
CA PHE A 194 13.76 8.53 -6.79
C PHE A 194 14.59 9.43 -7.69
N LEU A 195 14.11 10.66 -7.93
CA LEU A 195 14.65 11.48 -9.01
C LEU A 195 15.92 12.19 -8.58
N GLU A 196 16.01 12.59 -7.31
CA GLU A 196 17.15 13.35 -6.82
C GLU A 196 17.75 12.79 -5.54
N GLY A 197 17.16 11.76 -4.93
CA GLY A 197 17.58 11.35 -3.60
C GLY A 197 17.09 12.27 -2.50
N LYS A 198 16.03 13.03 -2.76
CA LYS A 198 15.53 14.07 -1.86
C LYS A 198 14.19 13.63 -1.30
N PHE A 199 14.19 13.22 -0.04
CA PHE A 199 13.01 12.63 0.56
C PHE A 199 12.34 13.57 1.55
N ASN A 200 12.76 14.83 1.60
CA ASN A 200 12.29 15.81 2.59
CA ASN A 200 12.29 15.81 2.59
C ASN A 200 11.74 17.05 1.91
N PRO A 201 10.67 16.94 1.14
CA PRO A 201 10.21 18.08 0.34
C PRO A 201 9.57 19.18 1.18
N LYS A 202 9.75 20.41 0.73
CA LYS A 202 9.10 21.53 1.39
C LYS A 202 7.60 21.54 1.03
N TYR A 203 6.81 22.18 1.86
CA TYR A 203 5.39 22.34 1.60
C TYR A 203 5.22 23.68 0.90
N ASP A 204 4.90 23.64 -0.39
CA ASP A 204 4.61 24.88 -1.11
C ASP A 204 3.41 25.58 -0.49
N LYS A 205 3.49 26.92 -0.41
CA LYS A 205 2.33 27.72 -0.02
C LYS A 205 1.18 27.53 -0.99
N GLN A 206 -0.04 27.43 -0.46
CA GLN A 206 -1.19 27.20 -1.33
C GLN A 206 -1.31 28.30 -2.38
N GLU A 207 -1.10 29.56 -2.00
CA GLU A 207 -1.16 30.63 -2.99
C GLU A 207 -0.25 30.34 -4.18
N ASP A 208 0.96 29.84 -3.91
CA ASP A 208 1.91 29.51 -4.97
C ASP A 208 1.50 28.27 -5.74
N ILE A 209 0.91 27.29 -5.05
CA ILE A 209 0.40 26.12 -5.73
C ILE A 209 -0.67 26.53 -6.74
N TYR A 210 -1.59 27.39 -6.32
CA TYR A 210 -2.64 27.81 -7.23
C TYR A 210 -2.08 28.65 -8.38
N ASN A 211 -1.05 29.47 -8.11
CA ASN A 211 -0.39 30.17 -9.22
C ASN A 211 0.14 29.17 -10.24
N ALA A 212 0.79 28.11 -9.75
CA ALA A 212 1.35 27.11 -10.66
C ALA A 212 0.26 26.34 -11.42
N PHE A 213 -0.92 26.20 -10.83
CA PHE A 213 -2.01 25.53 -11.54
C PHE A 213 -2.35 26.26 -12.83
N PHE A 214 -2.57 27.57 -12.73
CA PHE A 214 -2.96 28.35 -13.90
C PHE A 214 -1.88 28.31 -14.97
N LEU A 215 -0.60 28.43 -14.57
CA LEU A 215 0.49 28.41 -15.54
C LEU A 215 0.64 27.05 -16.19
N GLU A 216 0.55 25.97 -15.39
CA GLU A 216 0.70 24.64 -15.94
C GLU A 216 -0.41 24.32 -16.93
N LEU A 217 -1.66 24.59 -16.54
CA LEU A 217 -2.79 24.28 -17.39
C LEU A 217 -2.74 25.09 -18.68
N GLU A 218 -2.34 26.37 -18.59
CA GLU A 218 -2.18 27.20 -19.77
C GLU A 218 -1.13 26.62 -20.72
N ASP A 219 0.07 26.33 -20.20
CA ASP A 219 1.13 25.78 -21.04
C ASP A 219 0.71 24.42 -21.63
N ALA A 220 0.15 23.53 -20.81
CA ALA A 220 -0.33 22.25 -21.33
C ALA A 220 -1.30 22.44 -22.49
N VAL A 221 -2.22 23.39 -22.37
CA VAL A 221 -3.17 23.61 -23.47
C VAL A 221 -2.45 24.07 -24.73
N ASN A 222 -1.46 24.93 -24.57
CA ASN A 222 -0.72 25.42 -25.74
C ASN A 222 0.28 24.40 -26.28
N LYS A 223 0.69 23.40 -25.51
CA LYS A 223 1.70 22.48 -26.04
C LYS A 223 1.11 21.30 -26.77
N ILE A 224 -0.16 20.98 -26.53
CA ILE A 224 -0.83 19.87 -27.18
C ILE A 224 -0.83 20.07 -28.70
N ASP A 225 -0.65 18.97 -29.45
CA ASP A 225 -0.52 19.02 -30.91
C ASP A 225 -0.99 17.69 -31.42
N PRO A 226 -2.17 17.64 -32.05
CA PRO A 226 -2.71 16.33 -32.47
C PRO A 226 -1.85 15.60 -33.49
N THR A 227 -0.90 16.28 -34.13
CA THR A 227 -0.04 15.59 -35.10
C THR A 227 1.13 14.86 -34.46
N LYS A 228 1.27 14.87 -33.14
CA LYS A 228 2.39 14.24 -32.46
C LYS A 228 1.93 12.89 -31.88
N ASP A 229 2.22 12.57 -30.62
CA ASP A 229 2.05 11.23 -30.09
C ASP A 229 0.60 10.93 -29.74
N LYS A 230 0.21 9.67 -29.92
CA LYS A 230 -1.08 9.16 -29.49
C LYS A 230 -1.06 8.84 -28.00
N VAL A 231 -2.02 9.37 -27.26
CA VAL A 231 -2.22 8.99 -25.86
C VAL A 231 -3.05 7.71 -25.79
N THR A 232 -2.46 6.65 -25.23
CA THR A 232 -3.05 5.31 -25.37
C THR A 232 -3.63 4.73 -24.09
N GLY A 233 -3.36 5.30 -22.91
CA GLY A 233 -3.87 4.70 -21.70
C GLY A 233 -4.92 5.52 -20.96
N ASP A 234 -5.70 6.31 -21.70
CA ASP A 234 -6.59 7.34 -21.15
C ASP A 234 -8.00 6.80 -20.96
N LEU A 235 -8.39 6.56 -19.72
CA LEU A 235 -9.75 6.13 -19.36
C LEU A 235 -10.75 7.27 -19.28
N ILE A 236 -10.37 8.52 -19.53
CA ILE A 236 -11.34 9.61 -19.48
C ILE A 236 -11.86 9.96 -20.87
N TYR A 237 -10.94 10.19 -21.81
CA TYR A 237 -11.27 10.71 -23.14
C TYR A 237 -10.74 9.81 -24.25
N ALA A 238 -10.24 8.63 -23.91
CA ALA A 238 -9.65 7.69 -24.88
C ALA A 238 -8.55 8.37 -25.71
N GLY A 239 -7.92 9.39 -25.15
CA GLY A 239 -6.79 10.02 -25.79
C GLY A 239 -7.09 11.26 -26.61
N ASP A 240 -8.34 11.74 -26.59
CA ASP A 240 -8.76 12.89 -27.39
C ASP A 240 -8.16 14.15 -26.79
N VAL A 241 -7.07 14.65 -27.39
CA VAL A 241 -6.31 15.71 -26.74
C VAL A 241 -7.06 17.04 -26.75
N THR A 242 -8.00 17.24 -27.68
CA THR A 242 -8.80 18.47 -27.64
C THR A 242 -9.72 18.47 -26.42
N LYS A 243 -10.27 17.30 -26.06
CA LYS A 243 -11.06 17.23 -24.85
C LYS A 243 -10.19 17.45 -23.62
N TRP A 244 -8.93 17.00 -23.65
CA TRP A 244 -8.02 17.32 -22.55
C TRP A 244 -7.83 18.82 -22.40
N GLN A 245 -7.78 19.55 -23.53
CA GLN A 245 -7.71 21.01 -23.43
C GLN A 245 -8.95 21.58 -22.77
N GLN A 246 -10.12 21.04 -23.11
CA GLN A 246 -11.37 21.51 -22.50
C GLN A 246 -11.37 21.22 -21.01
N LEU A 247 -10.90 20.04 -20.61
CA LEU A 247 -10.74 19.75 -19.19
C LEU A 247 -9.81 20.76 -18.54
N ALA A 248 -8.61 20.96 -19.12
CA ALA A 248 -7.66 21.90 -18.54
C ALA A 248 -8.26 23.30 -18.44
N ASN A 249 -8.97 23.76 -19.47
CA ASN A 249 -9.52 25.09 -19.39
C ASN A 249 -10.68 25.15 -18.40
N SER A 250 -11.43 24.05 -18.25
CA SER A 250 -12.51 24.04 -17.27
C SER A 250 -11.95 24.06 -15.85
N LEU A 251 -10.87 23.30 -15.62
CA LEU A 251 -10.15 23.37 -14.33
C LEU A 251 -9.67 24.79 -14.06
N ARG A 252 -9.16 25.50 -15.07
CA ARG A 252 -8.82 26.91 -14.89
C ARG A 252 -10.03 27.72 -14.41
N LEU A 253 -11.21 27.46 -14.95
CA LEU A 253 -12.42 28.13 -14.45
C LEU A 253 -12.69 27.75 -12.99
N ARG A 254 -12.59 26.45 -12.69
CA ARG A 254 -12.79 26.01 -11.30
C ARG A 254 -11.84 26.72 -10.36
N PHE A 255 -10.56 26.75 -10.70
CA PHE A 255 -9.61 27.37 -9.80
C PHE A 255 -9.73 28.90 -9.80
N ALA A 256 -10.09 29.51 -10.94
CA ALA A 256 -10.36 30.95 -10.96
C ALA A 256 -11.48 31.29 -10.00
N MET A 257 -12.60 30.57 -10.08
CA MET A 257 -13.68 30.87 -9.15
C MET A 257 -13.27 30.57 -7.72
N ARG A 258 -12.42 29.57 -7.53
CA ARG A 258 -11.99 29.23 -6.17
C ARG A 258 -11.32 30.43 -5.51
N ILE A 259 -10.55 31.20 -6.28
CA ILE A 259 -9.77 32.27 -5.67
C ILE A 259 -10.46 33.61 -5.84
N SER A 260 -11.75 33.60 -6.21
CA SER A 260 -12.45 34.86 -6.46
C SER A 260 -12.70 35.67 -5.20
N SER A 261 -12.54 35.10 -4.01
CA SER A 261 -12.66 35.91 -2.80
C SER A 261 -11.30 36.44 -2.34
N VAL A 262 -10.26 35.62 -2.44
CA VAL A 262 -8.97 36.04 -1.93
C VAL A 262 -8.26 36.95 -2.93
N ASN A 263 -8.47 36.79 -4.23
CA ASN A 263 -7.79 37.61 -5.24
C ASN A 263 -8.74 37.87 -6.40
N PRO A 264 -9.72 38.76 -6.20
CA PRO A 264 -10.76 38.95 -7.23
C PRO A 264 -10.22 39.32 -8.61
N THR A 265 -9.17 40.15 -8.66
CA THR A 265 -8.64 40.61 -9.93
C THR A 265 -8.00 39.46 -10.71
N LYS A 266 -7.11 38.71 -10.06
CA LYS A 266 -6.53 37.55 -10.73
C LYS A 266 -7.61 36.56 -11.14
N ALA A 267 -8.56 36.29 -10.25
CA ALA A 267 -9.64 35.35 -10.56
C ALA A 267 -10.41 35.75 -11.82
N GLN A 268 -10.76 37.03 -11.94
CA GLN A 268 -11.47 37.47 -13.14
C GLN A 268 -10.62 37.27 -14.39
N THR A 269 -9.35 37.66 -14.33
CA THR A 269 -8.47 37.53 -15.50
C THR A 269 -8.30 36.08 -15.91
N GLU A 270 -7.99 35.21 -14.94
CA GLU A 270 -7.80 33.79 -15.25
C GLU A 270 -9.07 33.19 -15.81
N PHE A 271 -10.22 33.56 -15.26
CA PHE A 271 -11.49 33.00 -15.73
C PHE A 271 -11.74 33.38 -17.18
N GLU A 272 -11.62 34.67 -17.49
CA GLU A 272 -11.82 35.15 -18.86
C GLU A 272 -10.77 34.57 -19.81
N ASN A 273 -9.51 34.44 -19.36
CA ASN A 273 -8.51 33.84 -20.23
C ASN A 273 -8.89 32.40 -20.58
N ALA A 274 -9.40 31.62 -19.61
CA ALA A 274 -9.64 30.20 -19.89
C ALA A 274 -10.72 30.02 -20.94
N LEU A 275 -11.74 30.88 -20.91
CA LEU A 275 -12.84 30.80 -21.86
C LEU A 275 -12.37 30.98 -23.30
N ALA A 276 -11.32 31.76 -23.51
CA ALA A 276 -10.83 32.09 -24.84
C ALA A 276 -9.62 31.25 -25.24
N ALA A 277 -9.20 30.30 -24.42
CA ALA A 277 -8.05 29.47 -24.74
C ALA A 277 -8.41 28.40 -25.75
N ASN A 278 -7.37 27.87 -26.42
CA ASN A 278 -7.55 26.87 -27.46
C ASN A 278 -8.34 25.69 -26.93
N GLY A 279 -9.32 25.24 -27.71
CA GLY A 279 -10.19 24.16 -27.31
C GLY A 279 -11.42 24.59 -26.53
N GLY A 280 -11.41 25.77 -25.90
CA GLY A 280 -12.59 26.11 -25.14
C GLY A 280 -12.68 25.31 -23.84
N VAL A 281 -13.83 25.45 -23.17
CA VAL A 281 -14.15 24.75 -21.92
C VAL A 281 -15.18 23.65 -22.22
N ILE A 282 -15.57 22.89 -21.19
CA ILE A 282 -16.56 21.84 -21.32
C ILE A 282 -17.93 22.51 -21.40
N THR A 283 -18.47 22.59 -22.62
CA THR A 283 -19.72 23.32 -22.86
C THR A 283 -20.90 22.37 -22.98
N ASP A 284 -20.64 21.08 -23.12
CA ASP A 284 -21.66 20.10 -23.39
C ASP A 284 -21.27 18.80 -22.71
N ALA A 285 -22.28 18.01 -22.35
CA ALA A 285 -22.04 16.82 -21.53
C ALA A 285 -21.21 15.76 -22.24
N SER A 286 -21.16 15.81 -23.57
CA SER A 286 -20.34 14.88 -24.32
C SER A 286 -18.84 15.12 -24.10
N SER A 287 -18.46 16.22 -23.46
CA SER A 287 -17.08 16.42 -23.03
C SER A 287 -16.89 16.31 -21.52
N ASP A 288 -17.89 15.82 -20.78
CA ASP A 288 -17.70 15.63 -19.33
C ASP A 288 -16.50 14.73 -19.08
N ALA A 289 -15.72 15.06 -18.05
CA ALA A 289 -14.52 14.27 -17.71
C ALA A 289 -14.92 13.24 -16.65
N LEU A 290 -15.02 11.98 -17.07
CA LEU A 290 -15.54 10.88 -16.24
C LEU A 290 -14.63 9.67 -16.38
N ILE A 291 -14.07 9.19 -15.26
CA ILE A 291 -13.19 8.02 -15.32
C ILE A 291 -14.05 6.77 -15.47
N LYS A 292 -13.71 5.91 -16.43
CA LYS A 292 -14.47 4.67 -16.66
C LYS A 292 -14.03 3.57 -15.70
N TYR A 293 -14.97 3.07 -14.91
CA TYR A 293 -14.73 1.95 -14.02
C TYR A 293 -15.56 0.77 -14.49
N MET A 294 -15.11 -0.44 -14.16
CA MET A 294 -15.81 -1.64 -14.60
C MET A 294 -16.48 -2.33 -13.42
N THR A 295 -17.33 -3.30 -13.73
CA THR A 295 -18.05 -4.06 -12.72
C THR A 295 -17.14 -5.16 -12.18
N ILE A 296 -16.76 -5.06 -10.92
CA ILE A 296 -16.07 -6.14 -10.22
C ILE A 296 -16.85 -6.39 -8.94
N ALA A 297 -16.59 -7.55 -8.33
CA ALA A 297 -17.26 -7.87 -7.09
C ALA A 297 -16.86 -6.89 -6.00
N PHE A 298 -17.80 -6.59 -5.09
CA PHE A 298 -17.53 -5.82 -3.89
C PHE A 298 -16.89 -6.75 -2.87
N SER A 299 -15.63 -6.51 -2.52
CA SER A 299 -14.94 -7.26 -1.50
C SER A 299 -14.11 -6.32 -0.63
N PHE A 300 -14.01 -6.63 0.65
CA PHE A 300 -13.09 -5.94 1.54
C PHE A 300 -11.93 -6.84 1.99
N GLY A 301 -11.69 -7.94 1.28
CA GLY A 301 -10.53 -8.77 1.55
C GLY A 301 -9.25 -8.16 1.03
N GLN A 302 -8.15 -8.91 1.24
CA GLN A 302 -6.82 -8.41 0.94
C GLN A 302 -6.69 -8.02 -0.53
N GLU A 303 -7.12 -8.89 -1.44
CA GLU A 303 -6.84 -8.66 -2.86
C GLU A 303 -7.57 -7.43 -3.36
N ALA A 304 -8.73 -7.12 -2.77
CA ALA A 304 -9.53 -5.99 -3.20
C ALA A 304 -8.83 -4.64 -2.96
N TYR A 305 -7.87 -4.59 -2.02
CA TYR A 305 -7.18 -3.33 -1.72
C TYR A 305 -6.09 -3.01 -2.71
N SER A 306 -5.74 -3.94 -3.61
CA SER A 306 -4.81 -3.66 -4.70
C SER A 306 -5.49 -3.72 -6.07
N ASP A 307 -6.83 -3.65 -6.09
CA ASP A 307 -7.60 -3.73 -7.32
C ASP A 307 -8.34 -2.41 -7.52
N TYR A 308 -7.92 -1.62 -8.51
CA TYR A 308 -8.47 -0.29 -8.75
C TYR A 308 -9.44 -0.26 -9.92
N ARG A 309 -9.86 -1.44 -10.41
CA ARG A 309 -10.66 -1.48 -11.63
C ARG A 309 -12.09 -1.00 -11.40
N GLY A 310 -12.58 -1.13 -10.17
CA GLY A 310 -13.94 -0.75 -9.87
C GLY A 310 -14.03 0.56 -9.10
N ASN A 311 -15.19 1.20 -9.11
CA ASN A 311 -15.38 2.39 -8.30
C ASN A 311 -15.50 1.97 -6.84
N SER A 312 -14.46 2.27 -6.05
CA SER A 312 -14.43 1.90 -4.63
C SER A 312 -15.22 2.87 -3.75
N LEU A 313 -15.47 4.09 -4.23
CA LEU A 313 -16.37 4.98 -3.51
C LEU A 313 -17.77 4.37 -3.44
N SER A 314 -18.29 3.89 -4.58
CA SER A 314 -19.60 3.24 -4.60
C SER A 314 -19.61 2.01 -3.70
N GLN A 315 -18.52 1.24 -3.71
CA GLN A 315 -18.42 0.08 -2.82
C GLN A 315 -18.56 0.49 -1.36
N LEU A 316 -17.84 1.54 -0.96
CA LEU A 316 -17.91 2.03 0.41
C LEU A 316 -19.28 2.58 0.76
N LEU A 317 -19.95 3.26 -0.19
CA LEU A 317 -21.26 3.80 0.13
C LEU A 317 -22.27 2.68 0.27
N PHE A 318 -22.05 1.58 -0.45
CA PHE A 318 -22.80 0.36 -0.12
C PHE A 318 -22.46 -0.11 1.29
N GLY A 319 -21.16 -0.21 1.60
CA GLY A 319 -20.72 -0.44 2.96
C GLY A 319 -20.00 -1.75 3.18
N ASN A 320 -18.99 -1.72 4.06
CA ASN A 320 -18.41 -2.96 4.61
C ASN A 320 -19.34 -3.61 5.62
N ASP A 321 -20.33 -2.85 6.10
CA ASP A 321 -21.35 -3.33 7.04
C ASP A 321 -22.72 -2.91 6.51
N PRO A 322 -23.11 -3.40 5.33
CA PRO A 322 -24.23 -2.75 4.62
C PRO A 322 -25.58 -2.99 5.26
N ALA A 323 -25.76 -4.07 6.03
CA ALA A 323 -27.05 -4.32 6.67
C ALA A 323 -27.31 -3.35 7.81
N ASN A 324 -26.28 -3.06 8.60
CA ASN A 324 -26.42 -2.21 9.77
C ASN A 324 -25.95 -0.77 9.54
N ASN A 325 -25.09 -0.51 8.56
CA ASN A 325 -24.57 0.84 8.34
C ASN A 325 -24.55 1.16 6.86
N PRO A 326 -25.72 1.27 6.23
CA PRO A 326 -25.77 1.76 4.86
C PRO A 326 -25.54 3.27 4.84
N SER A 327 -25.57 3.87 3.65
CA SER A 327 -25.48 5.33 3.50
C SER A 327 -26.83 5.99 3.74
N TYR A 328 -27.04 6.44 4.96
CA TYR A 328 -28.21 7.22 5.29
C TYR A 328 -28.01 8.69 4.90
N LEU A 329 -29.05 9.30 4.34
CA LEU A 329 -28.96 10.71 3.97
C LEU A 329 -29.05 11.62 5.17
N CYS A 330 -28.27 12.69 5.13
CA CYS A 330 -28.36 13.76 6.11
C CYS A 330 -29.60 14.62 5.84
N SER A 331 -30.21 15.10 6.92
CA SER A 331 -31.43 15.90 6.80
C SER A 331 -31.20 17.19 6.00
N THR A 332 -30.01 17.78 6.10
CA THR A 332 -29.77 19.02 5.35
C THR A 332 -29.95 18.80 3.85
N PHE A 333 -29.42 17.68 3.36
CA PHE A 333 -29.49 17.34 1.94
C PHE A 333 -30.87 16.83 1.57
N PHE A 334 -31.42 15.88 2.33
CA PHE A 334 -32.73 15.35 1.99
C PHE A 334 -33.81 16.43 2.06
N ASN A 335 -33.78 17.27 3.11
CA ASN A 335 -34.78 18.32 3.21
C ASN A 335 -34.63 19.36 2.11
N GLN A 336 -33.40 19.69 1.71
CA GLN A 336 -33.23 20.60 0.57
C GLN A 336 -33.98 20.06 -0.64
N LEU A 337 -33.78 18.77 -0.94
CA LEU A 337 -34.45 18.14 -2.07
C LEU A 337 -35.97 18.08 -1.85
N TYR A 338 -36.38 17.53 -0.71
CA TYR A 338 -37.81 17.28 -0.49
C TYR A 338 -38.60 18.59 -0.44
N ASN A 339 -38.13 19.55 0.33
CA ASN A 339 -38.88 20.77 0.56
C ASN A 339 -38.88 21.70 -0.65
N SER A 340 -37.90 21.57 -1.54
CA SER A 340 -37.90 22.36 -2.76
C SER A 340 -38.63 21.66 -3.91
N GLY A 341 -39.22 20.48 -3.70
CA GLY A 341 -39.86 19.78 -4.80
C GLY A 341 -38.88 19.27 -5.84
N ASP A 342 -37.63 19.05 -5.46
CA ASP A 342 -36.61 18.69 -6.43
C ASP A 342 -36.95 17.35 -7.05
N PRO A 343 -36.97 17.26 -8.38
CA PRO A 343 -37.27 15.97 -9.02
C PRO A 343 -36.29 14.88 -8.67
N ARG A 344 -35.10 15.23 -8.16
CA ARG A 344 -34.10 14.22 -7.82
C ARG A 344 -34.32 13.59 -6.44
N THR A 345 -35.30 14.08 -5.68
CA THR A 345 -35.47 13.65 -4.29
C THR A 345 -35.48 12.13 -4.17
N PHE A 346 -36.31 11.47 -4.96
CA PHE A 346 -36.41 10.02 -4.91
C PHE A 346 -35.70 9.37 -6.08
N LYS A 347 -34.83 10.12 -6.75
CA LYS A 347 -33.85 9.49 -7.61
C LYS A 347 -32.56 9.24 -6.84
N ILE A 348 -32.24 10.16 -5.94
CA ILE A 348 -31.02 10.08 -5.16
C ILE A 348 -31.22 9.19 -3.94
N SER A 349 -32.44 9.19 -3.38
CA SER A 349 -32.72 8.47 -2.15
C SER A 349 -34.00 7.66 -2.27
N ARG A 350 -34.04 6.54 -1.54
CA ARG A 350 -35.24 5.75 -1.34
C ARG A 350 -35.25 5.27 0.10
N CYS A 351 -36.41 4.85 0.57
CA CYS A 351 -36.46 4.09 1.82
C CYS A 351 -36.54 2.61 1.47
N TYR A 352 -35.64 1.83 2.05
CA TYR A 352 -35.46 0.43 1.71
C TYR A 352 -35.53 -0.42 2.96
N TYR A 353 -36.16 -1.57 2.85
CA TYR A 353 -36.04 -2.63 3.85
C TYR A 353 -35.01 -3.64 3.35
N ASP A 354 -33.99 -3.91 4.15
CA ASP A 354 -32.85 -4.67 3.63
C ASP A 354 -32.75 -6.08 4.23
N GLY A 355 -33.83 -6.60 4.82
CA GLY A 355 -33.74 -7.88 5.51
C GLY A 355 -33.32 -9.03 4.61
N LEU A 356 -33.67 -8.97 3.33
CA LEU A 356 -33.31 -10.00 2.37
C LEU A 356 -32.16 -9.58 1.46
N MET A 357 -31.53 -8.44 1.73
CA MET A 357 -30.43 -7.97 0.91
C MET A 357 -29.17 -8.82 1.12
N SER A 358 -28.50 -9.13 0.02
CA SER A 358 -27.22 -9.81 0.06
C SER A 358 -26.17 -8.97 0.80
N ALA A 359 -25.09 -9.65 1.20
CA ALA A 359 -24.02 -8.94 1.88
C ALA A 359 -23.07 -8.25 0.93
N THR A 360 -23.08 -8.63 -0.34
CA THR A 360 -22.09 -8.12 -1.29
C THR A 360 -22.70 -7.32 -2.42
N SER A 361 -24.01 -7.08 -2.43
CA SER A 361 -24.60 -6.33 -3.53
C SER A 361 -25.94 -5.78 -3.06
N PRO A 362 -26.39 -4.65 -3.62
CA PRO A 362 -27.70 -4.09 -3.19
C PRO A 362 -28.90 -4.71 -3.88
N ASP A 363 -28.86 -6.00 -4.16
CA ASP A 363 -30.01 -6.68 -4.74
C ASP A 363 -31.01 -7.08 -3.67
N ASN A 364 -32.28 -7.17 -4.07
CA ASN A 364 -33.35 -7.74 -3.26
C ASN A 364 -33.67 -6.88 -2.06
N ARG A 365 -33.48 -5.57 -2.21
CA ARG A 365 -34.03 -4.64 -1.25
C ARG A 365 -35.51 -4.43 -1.54
N VAL A 366 -36.28 -4.19 -0.48
CA VAL A 366 -37.69 -3.89 -0.59
C VAL A 366 -37.87 -2.38 -0.52
N ASP A 367 -38.35 -1.78 -1.61
CA ASP A 367 -38.58 -0.34 -1.67
C ASP A 367 -39.90 0.01 -1.01
N ILE A 368 -39.85 0.70 0.13
CA ILE A 368 -41.05 1.06 0.88
C ILE A 368 -41.40 2.54 0.72
N THR A 369 -40.75 3.26 -0.21
CA THR A 369 -40.95 4.72 -0.31
C THR A 369 -42.40 5.05 -0.63
N GLN A 370 -42.97 4.38 -1.63
CA GLN A 370 -44.33 4.66 -2.04
C GLN A 370 -45.32 4.29 -0.93
N GLU A 371 -45.09 3.17 -0.26
CA GLU A 371 -45.93 2.79 0.88
C GLU A 371 -45.92 3.87 1.94
N MET A 372 -44.74 4.38 2.29
CA MET A 372 -44.64 5.44 3.30
C MET A 372 -45.41 6.67 2.88
N ILE A 373 -45.31 7.05 1.60
CA ILE A 373 -46.03 8.24 1.13
C ILE A 373 -47.54 8.01 1.23
N GLU A 374 -48.01 6.85 0.79
CA GLU A 374 -49.46 6.57 0.81
C GLU A 374 -50.02 6.57 2.23
N LYS A 375 -49.26 6.04 3.20
CA LYS A 375 -49.73 6.05 4.57
C LYS A 375 -49.42 7.36 5.30
N GLY A 376 -48.73 8.30 4.68
CA GLY A 376 -48.37 9.51 5.40
C GLY A 376 -47.29 9.36 6.47
N ILE A 377 -46.35 8.45 6.28
CA ILE A 377 -45.27 8.24 7.26
C ILE A 377 -44.19 9.28 7.00
N ALA A 378 -43.80 10.01 8.04
CA ALA A 378 -42.74 11.00 7.90
C ALA A 378 -41.38 10.33 7.64
N PHE A 379 -40.67 10.83 6.62
CA PHE A 379 -39.27 10.50 6.47
C PHE A 379 -38.47 11.11 7.61
N SER A 380 -37.44 10.41 8.06
CA SER A 380 -36.65 10.85 9.21
C SER A 380 -35.16 10.87 8.89
N PRO A 381 -34.73 11.78 8.00
CA PRO A 381 -33.29 11.88 7.71
C PRO A 381 -32.51 12.36 8.93
N ARG A 382 -31.22 12.06 8.93
CA ARG A 382 -30.37 12.25 10.10
C ARG A 382 -29.80 13.67 10.16
N ASP A 383 -30.11 14.39 11.24
CA ASP A 383 -29.47 15.65 11.52
C ASP A 383 -27.96 15.47 11.65
N PRO A 384 -27.16 16.51 11.32
CA PRO A 384 -25.71 16.45 11.60
C PRO A 384 -25.40 16.04 13.03
N GLY A 385 -24.53 15.06 13.22
CA GLY A 385 -24.28 14.53 14.54
C GLY A 385 -25.04 13.25 14.88
N ALA A 386 -26.13 12.93 14.19
CA ALA A 386 -26.97 11.81 14.59
C ALA A 386 -26.50 10.49 14.01
N TYR A 387 -26.70 9.43 14.77
CA TYR A 387 -26.60 8.06 14.30
C TYR A 387 -27.94 7.59 13.78
N SER A 388 -27.91 6.51 12.99
CA SER A 388 -29.19 5.93 12.57
C SER A 388 -30.05 5.53 13.76
N TRP A 389 -29.41 5.16 14.88
CA TRP A 389 -30.12 4.66 16.04
C TRP A 389 -30.29 5.71 17.13
N GLU A 390 -29.85 6.95 16.88
CA GLU A 390 -29.84 8.01 17.87
C GLU A 390 -29.95 9.36 17.16
N PRO A 391 -31.12 10.00 17.18
CA PRO A 391 -32.33 9.54 17.85
C PRO A 391 -33.06 8.44 17.08
N TRP A 392 -33.74 7.61 17.84
CA TRP A 392 -34.48 6.51 17.25
C TRP A 392 -35.72 7.07 16.58
N PRO A 393 -36.01 6.68 15.35
CA PRO A 393 -37.11 7.31 14.61
C PRO A 393 -38.47 6.68 14.93
N THR A 394 -39.53 7.41 14.56
CA THR A 394 -40.87 6.87 14.64
C THR A 394 -41.13 5.95 13.47
N GLY A 395 -41.45 4.68 13.75
CA GLY A 395 -41.63 3.66 12.74
C GLY A 395 -43.09 3.48 12.37
N TYR A 396 -43.37 2.37 11.71
CA TYR A 396 -44.74 2.12 11.25
C TYR A 396 -44.83 0.65 10.84
N ASP A 397 -46.06 0.19 10.67
CA ASP A 397 -46.36 -1.20 10.30
C ASP A 397 -46.44 -1.33 8.79
N SER A 398 -45.48 -2.02 8.19
CA SER A 398 -45.49 -2.15 6.74
C SER A 398 -46.35 -3.32 6.30
N ASP A 399 -47.33 -3.05 5.43
CA ASP A 399 -48.13 -4.11 4.82
C ASP A 399 -47.26 -4.98 3.91
N ILE A 400 -46.35 -4.38 3.15
CA ILE A 400 -45.47 -5.14 2.28
C ILE A 400 -44.63 -6.12 3.09
N CYS A 401 -44.02 -5.63 4.18
CA CYS A 401 -43.13 -6.53 4.91
C CYS A 401 -43.91 -7.54 5.76
N ALA A 402 -45.12 -7.18 6.17
CA ALA A 402 -45.97 -8.12 6.90
C ALA A 402 -46.27 -9.35 6.06
N GLU A 403 -46.62 -9.14 4.80
CA GLU A 403 -46.83 -10.27 3.90
C GLU A 403 -45.54 -11.04 3.65
N LEU A 404 -44.42 -10.32 3.53
CA LEU A 404 -43.13 -11.00 3.34
C LEU A 404 -42.77 -11.84 4.55
N ALA A 405 -43.11 -11.33 5.74
CA ALA A 405 -42.68 -12.01 6.97
C ALA A 405 -43.42 -13.33 7.16
N VAL A 406 -44.58 -13.50 6.55
CA VAL A 406 -45.28 -14.78 6.65
C VAL A 406 -44.45 -15.87 6.01
N ASN A 407 -43.80 -15.55 4.89
CA ASN A 407 -42.96 -16.49 4.18
C ASN A 407 -41.49 -16.41 4.56
N ASN A 408 -41.10 -15.49 5.44
CA ASN A 408 -39.69 -15.31 5.81
C ASN A 408 -39.66 -14.81 7.23
N PRO A 409 -39.54 -15.71 8.21
CA PRO A 409 -39.65 -15.26 9.60
C PRO A 409 -38.54 -14.31 10.02
N SER A 410 -37.47 -14.18 9.25
CA SER A 410 -36.44 -13.23 9.60
C SER A 410 -36.80 -11.80 9.21
N VAL A 411 -37.87 -11.63 8.45
CA VAL A 411 -38.32 -10.30 8.04
C VAL A 411 -39.18 -9.72 9.14
N THR A 412 -38.96 -8.44 9.48
CA THR A 412 -39.77 -7.67 10.41
CA THR A 412 -39.88 -7.82 10.39
C THR A 412 -40.90 -6.99 9.65
N ALA A 413 -42.12 -7.01 10.19
CA ALA A 413 -43.22 -6.25 9.65
C ALA A 413 -43.21 -4.81 10.11
N THR A 414 -42.59 -4.53 11.25
CA THR A 414 -42.52 -3.19 11.79
C THR A 414 -41.25 -2.53 11.27
N MET A 415 -41.41 -1.45 10.52
CA MET A 415 -40.27 -0.67 10.08
C MET A 415 -39.78 0.24 11.21
N ALA A 416 -38.47 0.43 11.26
CA ALA A 416 -37.92 1.36 12.25
C ALA A 416 -36.98 2.34 11.54
N ARG A 417 -35.68 2.02 11.49
CA ARG A 417 -34.73 2.90 10.83
C ARG A 417 -34.87 2.91 9.31
N GLU A 418 -35.65 1.98 8.76
CA GLU A 418 -36.06 2.01 7.37
C GLU A 418 -36.80 3.30 7.01
N VAL A 419 -37.35 4.05 7.97
CA VAL A 419 -37.95 5.32 7.58
C VAL A 419 -36.90 6.42 7.38
N GLU A 420 -35.62 6.12 7.57
CA GLU A 420 -34.56 7.09 7.30
C GLU A 420 -34.11 6.92 5.85
N PRO A 421 -34.26 7.95 5.00
CA PRO A 421 -33.89 7.80 3.59
C PRO A 421 -32.45 7.34 3.41
N LYS A 422 -32.25 6.45 2.44
CA LYS A 422 -30.96 5.87 2.13
C LYS A 422 -30.58 6.26 0.70
N LEU A 423 -29.28 6.18 0.43
CA LEU A 423 -28.80 6.40 -0.93
C LEU A 423 -29.32 5.31 -1.87
N ALA A 424 -29.82 5.72 -3.03
CA ALA A 424 -30.44 4.78 -3.97
C ALA A 424 -29.41 3.85 -4.61
N ASN A 425 -29.89 2.68 -5.07
CA ASN A 425 -29.02 1.65 -5.63
C ASN A 425 -28.20 2.16 -6.83
N ASN A 426 -28.71 3.14 -7.56
CA ASN A 426 -28.00 3.65 -8.76
C ASN A 426 -26.60 4.16 -8.44
N PHE A 427 -26.37 4.56 -7.20
CA PHE A 427 -25.10 5.13 -6.77
C PHE A 427 -24.24 4.12 -6.03
N LEU A 428 -24.63 2.85 -6.08
CA LEU A 428 -23.96 1.78 -5.36
C LEU A 428 -23.44 0.72 -6.32
N LYS A 429 -22.95 1.15 -7.49
CA LYS A 429 -22.54 0.26 -8.55
C LYS A 429 -21.04 0.37 -8.78
N SER A 430 -20.38 -0.76 -8.96
CA SER A 430 -18.94 -0.78 -9.22
C SER A 430 -18.59 0.01 -10.48
N ASP A 431 -19.47 0.03 -11.46
CA ASP A 431 -19.20 0.73 -12.70
C ASP A 431 -19.72 2.17 -12.71
N ASN A 432 -20.11 2.72 -11.56
CA ASN A 432 -20.31 4.16 -11.48
C ASN A 432 -19.07 4.90 -11.95
N PRO A 433 -19.21 6.03 -12.65
CA PRO A 433 -18.04 6.76 -13.11
C PRO A 433 -17.34 7.51 -11.99
N GLY A 434 -16.06 7.78 -12.21
CA GLY A 434 -15.35 8.71 -11.37
C GLY A 434 -15.46 10.13 -11.89
N VAL A 435 -16.17 10.99 -11.18
CA VAL A 435 -16.47 12.33 -11.70
C VAL A 435 -15.26 13.24 -11.45
N VAL A 436 -14.74 13.83 -12.53
CA VAL A 436 -13.69 14.82 -12.45
C VAL A 436 -14.30 16.21 -12.63
N MET A 437 -14.99 16.45 -13.76
CA MET A 437 -15.64 17.73 -13.98
CA MET A 437 -15.66 17.71 -13.97
C MET A 437 -16.73 17.54 -15.03
N THR A 438 -17.85 18.24 -14.85
CA THR A 438 -19.02 18.14 -15.71
C THR A 438 -19.31 19.49 -16.38
N SER A 439 -20.07 19.43 -17.48
CA SER A 439 -20.56 20.65 -18.11
C SER A 439 -21.51 21.40 -17.20
N ALA A 440 -22.23 20.69 -16.32
CA ALA A 440 -23.15 21.35 -15.41
C ALA A 440 -22.42 22.31 -14.49
N GLU A 441 -21.26 21.89 -13.98
CA GLU A 441 -20.46 22.78 -13.14
C GLU A 441 -20.00 24.00 -13.91
N VAL A 442 -19.55 23.80 -15.15
CA VAL A 442 -19.12 24.94 -15.96
C VAL A 442 -20.25 25.97 -16.08
N LYS A 443 -21.49 25.49 -16.27
CA LYS A 443 -22.64 26.39 -16.31
C LYS A 443 -22.77 27.16 -15.00
N PHE A 444 -22.68 26.47 -13.85
CA PHE A 444 -22.78 27.14 -12.56
C PHE A 444 -21.65 28.14 -12.37
N LEU A 445 -20.45 27.80 -12.85
CA LEU A 445 -19.34 28.74 -12.76
C LEU A 445 -19.61 29.96 -13.64
N MET A 446 -20.08 29.72 -14.87
CA MET A 446 -20.50 30.79 -15.78
C MET A 446 -21.59 31.65 -15.15
N ALA A 447 -22.57 31.02 -14.51
CA ALA A 447 -23.66 31.79 -13.90
C ALA A 447 -23.13 32.71 -12.81
N GLU A 448 -22.20 32.21 -11.99
CA GLU A 448 -21.66 33.02 -10.91
C GLU A 448 -20.74 34.10 -11.44
N ALA A 449 -19.93 33.78 -12.46
CA ALA A 449 -19.08 34.81 -13.05
C ALA A 449 -19.91 35.93 -13.67
N THR A 450 -21.07 35.61 -14.21
CA THR A 450 -21.97 36.64 -14.76
C THR A 450 -22.57 37.51 -13.65
N VAL A 451 -23.00 36.90 -12.54
CA VAL A 451 -23.51 37.69 -11.43
C VAL A 451 -22.43 38.65 -10.93
N LYS A 452 -21.18 38.20 -10.89
CA LYS A 452 -20.07 39.08 -10.53
C LYS A 452 -19.72 40.10 -11.62
N LYS A 453 -20.41 40.08 -12.77
CA LYS A 453 -20.24 41.07 -13.85
C LYS A 453 -18.93 40.90 -14.61
N TRP A 454 -18.39 39.69 -14.64
CA TRP A 454 -17.24 39.43 -15.49
C TRP A 454 -17.66 39.33 -16.97
N ASN A 455 -16.70 39.43 -17.86
CA ASN A 455 -16.98 39.47 -19.31
C ASN A 455 -16.84 38.07 -19.86
N VAL A 456 -17.92 37.31 -19.82
CA VAL A 456 -17.85 35.88 -20.08
C VAL A 456 -18.84 35.42 -21.13
N GLY A 457 -19.66 36.32 -21.66
CA GLY A 457 -20.51 35.97 -22.79
C GLY A 457 -21.75 36.80 -22.78
N SER A 458 -22.69 36.46 -23.64
CA SER A 458 -23.94 37.21 -23.75
CA SER A 458 -23.93 37.21 -23.73
C SER A 458 -25.11 36.51 -23.10
N VAL A 459 -24.94 35.28 -22.61
CA VAL A 459 -26.06 34.61 -21.96
C VAL A 459 -26.29 35.23 -20.59
N SER A 460 -27.56 35.43 -20.25
CA SER A 460 -27.90 35.90 -18.91
C SER A 460 -27.54 34.87 -17.83
N ALA A 461 -27.28 35.35 -16.61
CA ALA A 461 -26.94 34.46 -15.50
C ALA A 461 -28.07 33.48 -15.22
N GLU A 462 -29.31 33.93 -15.31
CA GLU A 462 -30.46 33.07 -15.06
C GLU A 462 -30.53 31.93 -16.06
N ASP A 463 -30.27 32.20 -17.34
CA ASP A 463 -30.30 31.14 -18.33
C ASP A 463 -29.17 30.14 -18.11
N LEU A 464 -27.99 30.63 -17.74
CA LEU A 464 -26.88 29.74 -17.43
C LEU A 464 -27.18 28.89 -16.21
N TYR A 465 -27.81 29.49 -15.21
CA TYR A 465 -28.24 28.75 -14.02
C TYR A 465 -29.20 27.64 -14.42
N LYS A 466 -30.24 27.99 -15.19
CA LYS A 466 -31.23 27.00 -15.57
C LYS A 466 -30.57 25.89 -16.38
N GLN A 467 -29.60 26.24 -17.22
CA GLN A 467 -28.90 25.23 -18.00
C GLN A 467 -28.09 24.30 -17.09
N GLY A 468 -27.49 24.86 -16.04
CA GLY A 468 -26.75 24.02 -15.09
C GLY A 468 -27.66 23.06 -14.33
N VAL A 469 -28.80 23.56 -13.87
CA VAL A 469 -29.74 22.71 -13.14
C VAL A 469 -30.25 21.61 -14.04
N ARG A 470 -30.58 21.95 -15.28
CA ARG A 470 -31.02 20.93 -16.23
C ARG A 470 -29.92 19.90 -16.48
N ALA A 471 -28.68 20.37 -16.66
CA ALA A 471 -27.59 19.45 -16.94
C ALA A 471 -27.28 18.57 -15.72
N ALA A 472 -27.42 19.12 -14.51
CA ALA A 472 -27.18 18.34 -13.30
C ALA A 472 -28.23 17.25 -13.13
N ILE A 473 -29.48 17.54 -13.48
CA ILE A 473 -30.52 16.52 -13.41
C ILE A 473 -30.30 15.47 -14.49
N ASP A 474 -30.02 15.89 -15.72
CA ASP A 474 -29.81 14.92 -16.79
C ASP A 474 -28.54 14.11 -16.54
N PHE A 475 -27.57 14.69 -15.83
CA PHE A 475 -26.36 13.96 -15.48
C PHE A 475 -26.68 12.65 -14.78
N LEU A 476 -27.67 12.65 -13.88
CA LEU A 476 -28.08 11.44 -13.18
C LEU A 476 -28.75 10.46 -14.13
N THR A 477 -29.57 10.98 -15.05
CA THR A 477 -30.21 10.11 -16.04
C THR A 477 -29.16 9.44 -16.92
N ASP A 478 -28.20 10.23 -17.41
CA ASP A 478 -27.26 9.75 -18.41
C ASP A 478 -26.22 8.80 -17.83
N ASN A 479 -25.82 8.99 -16.58
CA ASN A 479 -24.64 8.28 -16.10
C ASN A 479 -24.94 7.29 -14.97
N TYR A 480 -26.14 7.35 -14.39
CA TYR A 480 -26.50 6.50 -13.27
C TYR A 480 -27.81 5.76 -13.52
N GLY A 481 -28.39 5.89 -14.71
CA GLY A 481 -29.61 5.17 -15.03
C GLY A 481 -30.82 5.61 -14.24
N CYS A 482 -30.83 6.84 -13.72
CA CYS A 482 -32.02 7.30 -13.03
C CYS A 482 -33.13 7.57 -14.04
N THR A 483 -34.37 7.50 -13.54
CA THR A 483 -35.53 7.87 -14.34
C THR A 483 -35.38 9.28 -14.88
N ALA A 484 -35.67 9.45 -16.16
CA ALA A 484 -35.57 10.77 -16.77
C ALA A 484 -36.56 11.74 -16.14
N THR A 485 -36.19 13.02 -16.14
CA THR A 485 -37.05 14.10 -15.68
C THR A 485 -37.65 14.79 -16.90
N THR A 486 -38.98 14.94 -16.92
CA THR A 486 -39.62 15.53 -18.10
C THR A 486 -39.45 17.05 -18.09
N ASP A 487 -39.73 17.64 -19.26
CA ASP A 487 -39.72 19.10 -19.37
C ASP A 487 -40.72 19.72 -18.41
N ALA A 488 -41.89 19.10 -18.27
CA ALA A 488 -42.91 19.64 -17.38
C ALA A 488 -42.46 19.57 -15.93
N GLU A 489 -41.91 18.42 -15.52
CA GLU A 489 -41.36 18.31 -14.17
C GLU A 489 -40.25 19.33 -13.95
N PHE A 490 -39.35 19.47 -14.93
CA PHE A 490 -38.30 20.48 -14.79
C PHE A 490 -38.90 21.87 -14.65
N ASP A 491 -39.86 22.23 -15.51
CA ASP A 491 -40.38 23.59 -15.50
C ASP A 491 -41.09 23.89 -14.20
N ALA A 492 -41.87 22.94 -13.69
CA ALA A 492 -42.56 23.19 -12.43
C ALA A 492 -41.58 23.45 -11.29
N PHE A 493 -40.46 22.71 -11.27
CA PHE A 493 -39.44 22.92 -10.25
C PHE A 493 -38.77 24.27 -10.41
N ILE A 494 -38.30 24.57 -11.61
CA ILE A 494 -37.48 25.77 -11.81
C ILE A 494 -38.32 27.03 -11.63
N GLN A 495 -39.64 26.96 -11.88
CA GLN A 495 -40.51 28.12 -11.73
C GLN A 495 -40.95 28.33 -10.28
N ASP A 496 -40.66 27.41 -9.39
CA ASP A 496 -41.07 27.57 -8.00
C ASP A 496 -39.85 27.65 -7.08
N LYS A 497 -39.62 26.61 -6.28
CA LYS A 497 -38.53 26.63 -5.32
C LYS A 497 -37.16 26.47 -5.97
N GLY A 498 -37.09 25.97 -7.20
CA GLY A 498 -35.83 25.94 -7.92
C GLY A 498 -35.44 27.23 -8.61
N ALA A 499 -36.15 28.33 -8.35
CA ALA A 499 -35.93 29.55 -9.12
C ALA A 499 -34.64 30.25 -8.73
N PHE A 500 -34.22 31.16 -9.61
CA PHE A 500 -32.91 31.80 -9.50
C PHE A 500 -32.88 32.86 -8.39
N GLY A 501 -33.95 33.63 -8.21
CA GLY A 501 -33.94 34.70 -7.23
C GLY A 501 -33.78 36.07 -7.86
N HIS A 502 -33.87 37.10 -7.01
CA HIS A 502 -33.89 38.48 -7.48
C HIS A 502 -32.67 39.30 -7.08
N THR A 503 -32.11 39.10 -5.89
CA THR A 503 -30.90 39.79 -5.51
C THR A 503 -29.67 38.94 -5.84
N ASP A 504 -28.50 39.59 -5.78
CA ASP A 504 -27.24 38.90 -6.00
C ASP A 504 -27.04 37.76 -4.99
N ASN A 505 -27.37 38.02 -3.72
CA ASN A 505 -27.16 36.99 -2.71
C ASN A 505 -28.08 35.81 -2.94
N GLN A 506 -29.32 36.08 -3.33
CA GLN A 506 -30.23 34.99 -3.65
C GLN A 506 -29.72 34.19 -4.84
N LYS A 507 -29.14 34.87 -5.82
CA LYS A 507 -28.66 34.17 -7.01
C LYS A 507 -27.42 33.35 -6.70
N LEU A 508 -26.50 33.90 -5.89
CA LEU A 508 -25.31 33.14 -5.50
C LEU A 508 -25.69 31.94 -4.65
N GLU A 509 -26.69 32.10 -3.79
CA GLU A 509 -27.16 31.00 -2.96
C GLU A 509 -27.78 29.91 -3.82
N ALA A 510 -28.60 30.29 -4.79
CA ALA A 510 -29.23 29.28 -5.64
C ALA A 510 -28.17 28.52 -6.43
N ILE A 511 -27.22 29.25 -7.03
CA ILE A 511 -26.20 28.63 -7.88
C ILE A 511 -25.40 27.61 -7.08
N ASN A 512 -24.91 28.01 -5.91
CA ASN A 512 -23.99 27.14 -5.19
C ASN A 512 -24.73 26.10 -4.36
N THR A 513 -26.00 26.34 -4.03
CA THR A 513 -26.82 25.27 -3.52
C THR A 513 -27.05 24.21 -4.58
N GLN A 514 -27.23 24.63 -5.83
CA GLN A 514 -27.42 23.65 -6.88
C GLN A 514 -26.12 22.96 -7.24
N ALA A 515 -24.99 23.67 -7.16
CA ALA A 515 -23.71 23.00 -7.39
C ALA A 515 -23.45 21.92 -6.34
N TRP A 516 -23.87 22.19 -5.10
CA TRP A 516 -23.72 21.26 -3.98
C TRP A 516 -24.44 19.94 -4.27
N ILE A 517 -25.68 20.02 -4.76
CA ILE A 517 -26.43 18.83 -5.17
C ILE A 517 -25.69 18.09 -6.27
N LEU A 518 -25.25 18.83 -7.29
CA LEU A 518 -24.48 18.25 -8.40
C LEU A 518 -23.21 17.55 -7.92
N HIS A 519 -22.52 18.11 -6.93
CA HIS A 519 -21.25 17.53 -6.49
C HIS A 519 -21.41 16.36 -5.51
N PHE A 520 -22.64 15.86 -5.32
CA PHE A 520 -22.83 14.71 -4.44
C PHE A 520 -21.92 13.56 -4.81
N THR A 521 -21.79 13.26 -6.10
CA THR A 521 -20.89 12.20 -6.53
C THR A 521 -19.46 12.71 -6.77
N ASN A 522 -19.11 13.89 -6.25
CA ASN A 522 -17.75 14.41 -6.35
C ASN A 522 -17.41 15.04 -5.01
N PRO A 523 -17.20 14.22 -3.96
CA PRO A 523 -17.11 14.78 -2.60
C PRO A 523 -15.94 15.72 -2.39
N ALA A 524 -14.81 15.54 -3.08
CA ALA A 524 -13.72 16.50 -2.97
C ALA A 524 -14.15 17.89 -3.45
N GLU A 525 -14.69 17.98 -4.67
CA GLU A 525 -15.17 19.27 -5.15
C GLU A 525 -16.33 19.79 -4.32
N CYS A 526 -17.25 18.91 -3.90
CA CYS A 526 -18.36 19.33 -3.05
C CYS A 526 -17.89 20.09 -1.83
N TRP A 527 -16.95 19.50 -1.08
CA TRP A 527 -16.46 20.15 0.13
C TRP A 527 -15.72 21.45 -0.20
N ALA A 528 -14.91 21.45 -1.26
CA ALA A 528 -14.18 22.66 -1.60
C ALA A 528 -15.14 23.82 -1.92
N ASN A 529 -16.21 23.55 -2.70
CA ASN A 529 -17.09 24.64 -3.10
C ASN A 529 -18.01 25.09 -1.96
N VAL A 530 -18.38 24.18 -1.06
CA VAL A 530 -19.12 24.60 0.12
C VAL A 530 -18.29 25.57 0.95
N ARG A 531 -17.03 25.23 1.18
CA ARG A 531 -16.14 26.11 1.93
C ARG A 531 -15.94 27.43 1.21
N ARG A 532 -15.68 27.38 -0.10
CA ARG A 532 -15.36 28.59 -0.85
C ARG A 532 -16.57 29.53 -0.93
N SER A 533 -17.71 29.02 -1.38
CA SER A 533 -18.87 29.87 -1.64
C SER A 533 -19.61 30.24 -0.37
N GLY A 534 -19.46 29.47 0.72
CA GLY A 534 -20.29 29.66 1.89
C GLY A 534 -21.70 29.11 1.77
N TYR A 535 -22.01 28.46 0.65
CA TYR A 535 -23.35 27.96 0.40
C TYR A 535 -23.29 26.46 0.13
N PRO A 536 -24.27 25.69 0.63
CA PRO A 536 -25.32 26.20 1.53
C PRO A 536 -24.75 26.58 2.90
N LYS A 537 -25.53 27.35 3.66
CA LYS A 537 -25.09 27.80 4.98
C LYS A 537 -25.29 26.66 5.97
N LEU A 538 -24.24 25.89 6.22
CA LEU A 538 -24.32 24.73 7.09
C LEU A 538 -24.08 25.15 8.54
N LYS A 539 -24.78 24.49 9.47
CA LYS A 539 -24.63 24.72 10.89
C LYS A 539 -23.92 23.55 11.55
N SER A 540 -23.14 23.86 12.56
CA SER A 540 -22.45 22.84 13.33
C SER A 540 -23.42 21.81 13.91
N PRO A 541 -23.00 20.55 14.05
CA PRO A 541 -23.82 19.57 14.78
C PRO A 541 -24.22 20.04 16.17
N ALA A 542 -23.47 20.98 16.75
CA ALA A 542 -23.85 21.52 18.05
C ALA A 542 -25.24 22.14 18.02
N GLU A 543 -25.64 22.73 16.89
CA GLU A 543 -26.94 23.37 16.76
C GLU A 543 -28.07 22.36 16.62
N TYR A 544 -27.76 21.09 16.41
CA TYR A 544 -28.76 20.03 16.40
C TYR A 544 -28.73 19.20 17.67
N GLY A 545 -27.97 19.62 18.69
CA GLY A 545 -28.01 18.98 19.98
C GLY A 545 -26.88 18.03 20.28
N PHE A 546 -25.87 17.96 19.42
CA PHE A 546 -24.78 17.02 19.58
C PHE A 546 -23.49 17.69 19.99
N GLY A 547 -23.57 18.90 20.56
CA GLY A 547 -22.37 19.62 20.93
C GLY A 547 -21.46 18.91 21.91
N GLN A 548 -22.00 18.09 22.83
CA GLN A 548 -21.14 17.52 23.84
C GLN A 548 -20.25 16.44 23.25
N TYR A 549 -20.50 16.02 22.02
CA TYR A 549 -19.68 14.99 21.40
C TYR A 549 -18.56 15.55 20.53
N LEU A 550 -18.41 16.87 20.41
CA LEU A 550 -17.54 17.45 19.39
C LEU A 550 -16.11 17.60 19.92
N THR A 551 -15.44 16.46 20.07
CA THR A 551 -14.15 16.44 20.74
C THR A 551 -13.11 17.27 19.99
N GLY A 552 -13.18 17.30 18.66
CA GLY A 552 -12.26 18.09 17.86
C GLY A 552 -12.64 19.54 17.66
N GLY A 553 -13.64 20.02 18.39
CA GLY A 553 -14.03 21.41 18.32
C GLY A 553 -15.42 21.57 17.70
N THR A 554 -16.00 22.76 17.90
CA THR A 554 -17.42 22.94 17.62
C THR A 554 -17.69 23.27 16.16
N GLU A 555 -16.84 24.08 15.53
CA GLU A 555 -17.08 24.44 14.14
C GLU A 555 -16.69 23.29 13.20
N ILE A 556 -17.42 23.20 12.08
CA ILE A 556 -17.14 22.19 11.07
C ILE A 556 -15.72 22.41 10.57
N PRO A 557 -14.84 21.42 10.65
CA PRO A 557 -13.46 21.59 10.16
C PRO A 557 -13.42 22.14 8.74
N VAL A 558 -12.39 22.95 8.46
CA VAL A 558 -12.23 23.57 7.15
C VAL A 558 -11.04 23.03 6.39
N ARG A 559 -10.30 22.10 6.98
CA ARG A 559 -9.24 21.35 6.34
C ARG A 559 -9.00 20.10 7.18
N LEU A 560 -8.10 19.24 6.71
CA LEU A 560 -7.64 18.07 7.43
C LEU A 560 -6.16 18.24 7.80
N CYS A 561 -5.72 17.49 8.81
CA CYS A 561 -4.36 17.61 9.33
C CYS A 561 -3.39 16.74 8.55
N TYR A 562 -2.11 17.11 8.61
CA TYR A 562 -1.02 16.34 8.01
C TYR A 562 -0.75 15.06 8.83
N PRO A 563 -0.30 14.00 8.16
CA PRO A 563 0.09 12.79 8.90
C PRO A 563 1.17 13.12 9.92
N VAL A 564 0.98 12.61 11.15
CA VAL A 564 1.89 12.95 12.25
C VAL A 564 3.32 12.56 11.92
N LEU A 565 3.52 11.48 11.16
CA LEU A 565 4.85 11.05 10.82
C LEU A 565 5.60 12.04 9.91
N GLU A 566 4.89 12.94 9.21
CA GLU A 566 5.57 14.06 8.58
C GLU A 566 6.34 14.88 9.62
N SER A 567 5.80 14.97 10.83
CA SER A 567 6.52 15.69 11.88
C SER A 567 7.78 14.95 12.29
N SER A 568 7.82 13.62 12.18
CA SER A 568 9.05 12.93 12.54
C SER A 568 10.04 12.82 11.40
N TYR A 569 9.57 12.61 10.17
CA TYR A 569 10.47 12.31 9.07
C TYR A 569 10.53 13.39 8.00
N ASN A 570 9.79 14.49 8.17
CA ASN A 570 9.90 15.64 7.29
C ASN A 570 9.76 16.89 8.15
N LYS A 571 10.50 16.91 9.25
CA LYS A 571 10.22 17.81 10.38
C LYS A 571 10.38 19.28 9.99
N LYS A 572 11.50 19.63 9.38
CA LYS A 572 11.73 21.02 9.00
C LYS A 572 10.62 21.56 8.10
N SER A 573 10.23 20.77 7.10
CA SER A 573 9.18 21.21 6.18
C SER A 573 7.84 21.31 6.88
N TYR A 574 7.52 20.30 7.71
CA TYR A 574 6.26 20.30 8.45
C TYR A 574 6.20 21.48 9.41
N ASN A 575 7.32 21.76 10.10
CA ASN A 575 7.37 22.91 11.02
C ASN A 575 7.13 24.22 10.30
N GLU A 576 7.75 24.40 9.13
CA GLU A 576 7.48 25.60 8.36
C GLU A 576 6.01 25.75 8.04
N ALA A 577 5.34 24.65 7.69
CA ALA A 577 3.92 24.74 7.34
C ALA A 577 3.05 25.05 8.55
N ILE A 578 3.30 24.42 9.70
CA ILE A 578 2.39 24.68 10.82
C ILE A 578 2.70 26.01 11.49
N GLU A 579 3.92 26.56 11.31
CA GLU A 579 4.19 27.90 11.82
C GLU A 579 3.28 28.92 11.17
N ARG A 580 2.91 28.70 9.91
CA ARG A 580 2.01 29.65 9.25
C ARG A 580 0.60 29.58 9.83
N MET A 581 0.29 28.53 10.60
CA MET A 581 -0.97 28.41 11.32
C MET A 581 -0.82 28.69 12.81
N GLY A 582 0.28 29.32 13.22
CA GLY A 582 0.44 29.64 14.62
C GLY A 582 1.14 28.60 15.45
N GLY A 583 1.81 27.64 14.82
CA GLY A 583 2.53 26.64 15.56
C GLY A 583 1.77 25.35 15.80
N THR A 584 0.63 25.15 15.15
CA THR A 584 -0.18 23.99 15.41
C THR A 584 -0.90 23.58 14.12
N ASP A 585 -1.14 22.29 13.98
CA ASP A 585 -1.80 21.72 12.78
C ASP A 585 -3.29 21.75 13.08
N ASN A 586 -3.93 22.83 12.67
CA ASN A 586 -5.26 23.21 13.13
C ASN A 586 -6.23 22.99 12.00
N TRP A 587 -7.12 22.01 12.16
CA TRP A 587 -8.14 21.78 11.15
C TRP A 587 -9.29 22.78 11.21
N HIS A 588 -9.28 23.74 12.14
CA HIS A 588 -10.13 24.92 12.06
C HIS A 588 -9.45 26.10 11.37
N SER A 589 -8.21 25.94 10.93
CA SER A 589 -7.50 27.05 10.30
C SER A 589 -7.87 27.11 8.82
N LEU A 590 -8.43 28.26 8.40
CA LEU A 590 -8.90 28.43 7.03
C LEU A 590 -7.77 28.28 6.02
N LEU A 591 -8.09 27.62 4.90
CA LEU A 591 -7.18 27.56 3.77
C LEU A 591 -7.03 28.95 3.16
N TRP A 592 -5.92 29.14 2.45
CA TRP A 592 -5.62 30.44 1.84
C TRP A 592 -6.79 30.98 0.99
N TRP A 593 -7.44 30.13 0.20
CA TRP A 593 -8.53 30.62 -0.63
C TRP A 593 -9.86 30.71 0.11
N ASP A 594 -9.96 30.27 1.37
CA ASP A 594 -11.22 30.32 2.11
C ASP A 594 -11.23 31.61 2.93
N THR A 595 -11.92 32.64 2.43
CA THR A 595 -11.99 33.94 3.10
C THR A 595 -13.42 34.48 3.06
N GLU A 596 -13.71 35.38 4.00
CA GLU A 596 -15.01 36.05 4.05
C GLU A 596 -15.19 37.01 2.89
N GLU B 18 -19.62 -32.86 -19.81
CA GLU B 18 -19.90 -31.62 -19.12
C GLU B 18 -18.59 -30.84 -18.91
N ARG B 19 -17.58 -31.53 -18.40
CA ARG B 19 -16.29 -30.87 -18.17
C ARG B 19 -15.66 -30.42 -19.49
N ARG B 20 -15.75 -31.27 -20.51
CA ARG B 20 -15.11 -30.98 -21.79
C ARG B 20 -15.85 -29.87 -22.54
N ARG B 21 -17.18 -29.90 -22.48
CA ARG B 21 -17.98 -28.82 -23.06
C ARG B 21 -17.65 -27.48 -22.42
N ALA B 22 -17.48 -27.46 -21.09
CA ALA B 22 -17.25 -26.20 -20.40
C ALA B 22 -15.88 -25.64 -20.73
N ARG B 23 -14.88 -26.50 -20.83
CA ARG B 23 -13.52 -26.06 -21.17
C ARG B 23 -13.49 -25.41 -22.55
N ARG B 24 -14.17 -26.02 -23.53
CA ARG B 24 -14.19 -25.46 -24.88
C ARG B 24 -14.80 -24.06 -24.89
N GLU B 25 -15.92 -23.89 -24.19
CA GLU B 25 -16.58 -22.59 -24.15
C GLU B 25 -15.68 -21.53 -23.49
N ILE B 26 -14.92 -21.93 -22.48
CA ILE B 26 -14.04 -20.99 -21.79
C ILE B 26 -12.86 -20.61 -22.68
N ARG B 27 -12.32 -21.58 -23.42
CA ARG B 27 -11.26 -21.27 -24.38
C ARG B 27 -11.72 -20.26 -25.41
N HIS B 28 -13.03 -20.17 -25.66
CA HIS B 28 -13.57 -19.35 -26.73
C HIS B 28 -14.26 -18.09 -26.22
N LEU B 29 -14.10 -17.74 -24.95
CA LEU B 29 -14.67 -16.48 -24.46
C LEU B 29 -13.76 -15.34 -24.91
N PRO B 30 -14.28 -14.33 -25.62
CA PRO B 30 -13.38 -13.38 -26.29
C PRO B 30 -12.72 -12.38 -25.35
N ASN B 31 -13.30 -12.10 -24.18
CA ASN B 31 -12.84 -10.99 -23.34
C ASN B 31 -12.02 -11.44 -22.13
N LEU B 32 -11.92 -12.74 -21.88
CA LEU B 32 -10.98 -13.19 -20.87
C LEU B 32 -9.56 -13.00 -21.37
N ASN B 33 -8.66 -12.62 -20.48
CA ASN B 33 -7.28 -12.68 -20.90
C ASN B 33 -6.68 -14.05 -20.57
N ARG B 34 -5.44 -14.25 -21.01
CA ARG B 34 -4.89 -15.61 -21.00
C ARG B 34 -4.79 -16.16 -19.58
N GLU B 35 -4.39 -15.32 -18.62
CA GLU B 35 -4.26 -15.88 -17.28
C GLU B 35 -5.61 -16.21 -16.68
N GLN B 36 -6.67 -15.49 -17.06
CA GLN B 36 -8.02 -15.81 -16.58
C GLN B 36 -8.49 -17.13 -17.16
N ARG B 37 -8.32 -17.30 -18.48
CA ARG B 37 -8.67 -18.56 -19.13
C ARG B 37 -7.91 -19.73 -18.50
N ARG B 38 -6.60 -19.59 -18.33
CA ARG B 38 -5.82 -20.71 -17.78
C ARG B 38 -6.24 -21.03 -16.36
N ALA B 39 -6.67 -20.01 -15.60
CA ALA B 39 -7.08 -20.24 -14.21
C ALA B 39 -8.38 -21.02 -14.17
N PHE B 40 -9.36 -20.61 -14.97
CA PHE B 40 -10.60 -21.36 -15.03
C PHE B 40 -10.36 -22.80 -15.48
N ILE B 41 -9.54 -22.99 -16.51
CA ILE B 41 -9.30 -24.33 -17.03
C ILE B 41 -8.63 -25.22 -15.98
N ARG B 42 -7.68 -24.66 -15.24
CA ARG B 42 -7.03 -25.39 -14.14
C ARG B 42 -8.04 -25.74 -13.04
N SER B 43 -8.95 -24.81 -12.73
CA SER B 43 -9.99 -25.06 -11.73
C SER B 43 -10.95 -26.16 -12.19
N LEU B 44 -11.20 -26.26 -13.50
CA LEU B 44 -12.01 -27.36 -14.02
C LEU B 44 -11.32 -28.69 -13.80
N ARG B 45 -10.01 -28.77 -14.09
CA ARG B 45 -9.26 -29.98 -13.82
C ARG B 45 -9.33 -30.35 -12.35
N ASP B 46 -9.07 -29.38 -11.46
CA ASP B 46 -8.97 -29.68 -10.04
C ASP B 46 -10.31 -30.04 -9.40
N ASP B 47 -11.44 -29.59 -9.96
CA ASP B 47 -12.75 -29.75 -9.32
C ASP B 47 -13.82 -29.86 -10.39
N PRO B 48 -13.94 -31.03 -11.03
CA PRO B 48 -14.88 -31.18 -12.17
C PRO B 48 -16.34 -30.97 -11.79
N SER B 49 -16.72 -31.26 -10.55
CA SER B 49 -18.11 -31.04 -10.13
C SER B 49 -18.53 -29.59 -10.25
N GLN B 50 -17.58 -28.65 -10.19
CA GLN B 50 -17.88 -27.24 -10.25
C GLN B 50 -17.97 -26.72 -11.67
N SER B 51 -17.99 -27.62 -12.66
CA SER B 51 -18.01 -27.24 -14.06
C SER B 51 -19.08 -26.20 -14.36
N ALA B 52 -20.31 -26.47 -13.91
CA ALA B 52 -21.40 -25.55 -14.22
C ALA B 52 -21.17 -24.20 -13.56
N ASN B 53 -20.73 -24.20 -12.29
CA ASN B 53 -20.45 -22.96 -11.61
C ASN B 53 -19.33 -22.18 -12.31
N LEU B 54 -18.18 -22.85 -12.52
CA LEU B 54 -17.03 -22.20 -13.15
C LEU B 54 -17.39 -21.63 -14.51
N LEU B 55 -18.20 -22.36 -15.29
CA LEU B 55 -18.62 -21.86 -16.59
C LEU B 55 -19.41 -20.56 -16.45
N ALA B 56 -20.27 -20.48 -15.43
CA ALA B 56 -21.10 -19.30 -15.28
C ALA B 56 -20.28 -18.10 -14.81
N GLU B 57 -19.40 -18.31 -13.83
CA GLU B 57 -18.51 -17.23 -13.41
C GLU B 57 -17.65 -16.72 -14.56
N ALA B 58 -17.19 -17.63 -15.43
CA ALA B 58 -16.36 -17.21 -16.57
C ALA B 58 -17.13 -16.29 -17.52
N LYS B 59 -18.41 -16.60 -17.76
CA LYS B 59 -19.25 -15.78 -18.62
C LYS B 59 -19.49 -14.40 -18.01
N LYS B 60 -19.79 -14.37 -16.70
CA LYS B 60 -19.93 -13.10 -15.99
C LYS B 60 -18.68 -12.25 -16.18
N LEU B 61 -17.52 -12.85 -15.98
CA LEU B 61 -16.27 -12.10 -16.12
C LEU B 61 -16.12 -11.61 -17.54
N ASN B 62 -16.39 -12.48 -18.50
CA ASN B 62 -16.34 -12.10 -19.91
C ASN B 62 -17.25 -10.92 -20.20
N ASP B 63 -18.48 -10.97 -19.69
CA ASP B 63 -19.43 -9.90 -19.98
C ASP B 63 -18.98 -8.58 -19.37
N ALA B 64 -18.28 -8.64 -18.23
CA ALA B 64 -17.87 -7.41 -17.55
C ALA B 64 -16.64 -6.75 -18.15
N GLN B 65 -15.99 -7.36 -19.14
CA GLN B 65 -14.71 -6.85 -19.65
C GLN B 65 -14.77 -6.54 -21.15
N PRO B 66 -15.58 -5.51 -21.56
CA PRO B 66 -15.60 -5.14 -22.99
C PRO B 66 -14.25 -4.76 -23.58
N LYS B 67 -14.21 -4.62 -24.92
CA LYS B 67 -13.00 -4.79 -25.74
C LYS B 67 -11.99 -3.68 -25.52
N GLY B 68 -10.72 -4.00 -25.83
CA GLY B 68 -9.61 -3.06 -25.79
C GLY B 68 -9.26 -2.59 -24.39
N THR B 69 -9.09 -3.53 -23.46
CA THR B 69 -9.12 -3.24 -22.03
C THR B 69 -7.85 -2.54 -21.56
N GLU B 70 -7.84 -1.21 -21.72
CA GLU B 70 -7.07 -0.41 -20.78
C GLU B 70 -7.53 -0.70 -19.37
N ASN B 71 -8.85 -0.63 -19.15
CA ASN B 71 -9.55 -0.76 -17.88
C ASN B 71 -9.30 -2.08 -17.18
N LEU B 72 -8.11 -2.65 -17.34
CA LEU B 72 -7.88 -4.03 -16.93
C LEU B 72 -6.41 -4.41 -17.02
N TYR B 73 -5.91 -4.43 -18.25
CA TYR B 73 -4.79 -5.29 -18.58
C TYR B 73 -3.85 -4.72 -19.63
N PHE B 74 -4.39 -4.06 -20.66
CA PHE B 74 -3.53 -3.40 -21.64
C PHE B 74 -2.71 -2.30 -20.98
N GLN B 75 -3.24 -1.74 -19.89
CA GLN B 75 -2.47 -0.96 -18.94
C GLN B 75 -1.78 -1.90 -17.96
N SER B 76 -0.78 -1.34 -17.27
CA SER B 76 0.15 -2.13 -16.44
C SER B 76 0.23 -3.54 -16.96
N MET B 77 0.41 -3.65 -18.26
CA MET B 77 0.83 -4.90 -18.90
C MET B 77 2.25 -5.21 -18.46
N ILE B 78 2.47 -5.20 -17.16
CA ILE B 78 3.75 -5.61 -16.64
C ILE B 78 3.90 -7.10 -16.96
N ASP B 79 4.92 -7.43 -17.72
CA ASP B 79 5.05 -8.78 -18.22
C ASP B 79 5.45 -9.72 -17.10
N PRO B 80 5.34 -11.04 -17.32
CA PRO B 80 5.73 -12.01 -16.28
C PRO B 80 7.13 -11.84 -15.74
N ASN B 81 8.11 -11.45 -16.56
CA ASN B 81 9.48 -11.31 -16.08
C ASN B 81 9.59 -10.12 -15.14
N ALA B 82 8.86 -9.05 -15.43
CA ALA B 82 8.94 -7.88 -14.54
C ALA B 82 8.23 -8.15 -13.22
N GLN B 83 7.23 -9.05 -13.22
CA GLN B 83 6.64 -9.46 -11.94
C GLN B 83 7.64 -10.21 -11.09
N LEU B 84 8.45 -11.06 -11.70
CA LEU B 84 9.54 -11.73 -10.99
C LEU B 84 10.46 -10.69 -10.33
N THR B 85 10.86 -9.66 -11.07
CA THR B 85 11.73 -8.63 -10.50
C THR B 85 11.09 -7.97 -9.30
N THR B 86 9.84 -7.51 -9.46
CA THR B 86 9.13 -6.84 -8.38
C THR B 86 8.99 -7.74 -7.16
N ALA B 87 8.69 -9.02 -7.38
CA ALA B 87 8.50 -9.93 -6.27
C ALA B 87 9.80 -10.16 -5.51
N GLN B 88 10.91 -10.30 -6.25
CA GLN B 88 12.21 -10.43 -5.60
C GLN B 88 12.56 -9.17 -4.83
N LEU B 89 12.35 -8.00 -5.43
CA LEU B 89 12.63 -6.76 -4.72
C LEU B 89 11.79 -6.65 -3.45
N GLN B 90 10.49 -6.94 -3.52
CA GLN B 90 9.65 -6.80 -2.33
C GLN B 90 10.11 -7.69 -1.18
N THR B 91 10.73 -8.83 -1.47
CA THR B 91 11.03 -9.82 -0.43
C THR B 91 11.77 -9.20 0.77
N TYR B 92 12.81 -8.39 0.52
CA TYR B 92 13.47 -7.62 1.56
C TYR B 92 13.45 -6.11 1.33
N GLY B 93 12.87 -5.63 0.23
CA GLY B 93 12.85 -4.22 -0.09
C GLY B 93 11.67 -3.42 0.45
N ASP B 94 10.62 -4.12 0.88
CA ASP B 94 9.36 -3.52 1.33
C ASP B 94 9.53 -3.02 2.77
N LEU B 95 9.65 -1.70 2.93
CA LEU B 95 9.97 -1.14 4.24
C LEU B 95 8.85 -1.37 5.27
N SER B 96 7.58 -1.41 4.84
CA SER B 96 6.53 -1.69 5.80
C SER B 96 6.58 -3.15 6.25
N MET B 97 6.92 -4.06 5.34
CA MET B 97 6.89 -5.47 5.72
C MET B 97 8.05 -5.82 6.65
N MET B 98 9.24 -5.25 6.42
CA MET B 98 10.41 -5.60 7.21
C MET B 98 10.23 -5.31 8.68
N GLU B 99 9.29 -4.44 9.06
CA GLU B 99 9.09 -4.14 10.47
C GLU B 99 8.81 -5.41 11.26
N ILE B 100 8.19 -6.41 10.63
CA ILE B 100 7.81 -7.62 11.34
C ILE B 100 9.04 -8.35 11.87
N TYR B 101 10.13 -8.34 11.10
CA TYR B 101 11.33 -9.07 11.51
C TYR B 101 12.00 -8.39 12.70
N ARG B 102 12.14 -7.06 12.66
CA ARG B 102 12.73 -6.35 13.80
C ARG B 102 11.82 -6.42 15.02
N ASN B 103 10.50 -6.34 14.82
CA ASN B 103 9.59 -6.33 15.96
C ASN B 103 9.49 -7.71 16.61
N TYR B 104 9.40 -8.77 15.80
CA TYR B 104 9.06 -10.09 16.34
C TYR B 104 10.17 -11.11 16.14
N HIS B 105 10.51 -11.47 14.90
CA HIS B 105 11.40 -12.61 14.66
C HIS B 105 12.71 -12.52 15.44
N TYR B 106 13.40 -11.39 15.34
CA TYR B 106 14.74 -11.33 15.91
C TYR B 106 14.70 -11.38 17.43
N ALA B 107 13.56 -11.03 18.04
CA ALA B 107 13.40 -11.27 19.46
C ALA B 107 13.09 -12.73 19.73
N PHE B 108 12.16 -13.33 18.97
CA PHE B 108 11.77 -14.73 19.18
C PHE B 108 12.96 -15.68 19.02
N THR B 109 13.89 -15.39 18.12
CA THR B 109 15.08 -16.20 17.93
C THR B 109 16.21 -15.79 18.86
N GLN B 110 15.98 -14.76 19.68
CA GLN B 110 16.91 -14.26 20.68
C GLN B 110 18.26 -13.90 20.07
N GLN B 111 18.22 -13.21 18.94
CA GLN B 111 19.44 -12.71 18.32
C GLN B 111 19.63 -11.21 18.49
N LEU B 112 18.54 -10.44 18.46
CA LEU B 112 18.56 -9.02 18.77
C LEU B 112 17.63 -8.76 19.95
N MET B 113 18.03 -7.84 20.82
CA MET B 113 17.22 -7.43 21.96
C MET B 113 17.78 -6.11 22.47
N GLY B 114 16.90 -5.23 22.92
CA GLY B 114 17.37 -3.96 23.44
C GLY B 114 16.79 -2.75 22.71
N CYS B 115 16.78 -2.78 21.38
CA CYS B 115 16.05 -1.78 20.60
C CYS B 115 14.60 -1.74 21.07
N TRP B 116 14.05 -0.52 21.21
CA TRP B 116 12.69 -0.39 21.74
C TRP B 116 11.71 -1.32 21.02
N ASN B 117 11.74 -1.32 19.68
CA ASN B 117 10.78 -2.09 18.90
C ASN B 117 10.89 -3.57 19.19
N THR B 118 12.12 -4.08 19.19
CA THR B 118 12.34 -5.51 19.36
C THR B 118 11.98 -5.97 20.76
N THR B 119 12.35 -5.19 21.78
CA THR B 119 12.04 -5.61 23.15
C THR B 119 10.55 -5.49 23.42
N ASN B 120 9.95 -4.39 22.99
CA ASN B 120 8.54 -4.14 23.28
C ASN B 120 7.65 -5.21 22.66
N TYR B 121 7.86 -5.52 21.39
CA TYR B 121 6.93 -6.44 20.73
C TYR B 121 7.30 -7.89 20.95
N GLY B 122 8.41 -8.33 20.34
CA GLY B 122 8.77 -9.74 20.46
C GLY B 122 9.37 -10.08 21.80
N GLY B 123 10.17 -9.18 22.36
CA GLY B 123 10.83 -9.49 23.61
C GLY B 123 9.88 -9.58 24.78
N ARG B 124 8.75 -8.86 24.75
CA ARG B 124 7.82 -8.88 25.87
C ARG B 124 6.47 -9.45 25.47
N HIS B 125 6.41 -10.15 24.34
CA HIS B 125 5.22 -10.88 23.92
C HIS B 125 4.00 -9.96 23.87
N THR B 126 4.15 -8.85 23.15
CA THR B 126 3.02 -7.95 22.91
C THR B 126 2.28 -8.39 21.66
N LEU B 127 1.05 -8.87 21.84
CA LEU B 127 0.12 -9.11 20.73
C LEU B 127 -0.28 -7.78 20.11
N ASP B 128 0.00 -7.61 18.82
CA ASP B 128 -0.43 -6.41 18.08
C ASP B 128 -0.85 -6.87 16.69
N ASN B 129 -2.14 -6.87 16.41
CA ASN B 129 -2.59 -7.51 15.19
C ASN B 129 -2.07 -6.78 13.95
N ASN B 130 -2.00 -5.46 13.99
CA ASN B 130 -1.46 -4.73 12.85
C ASN B 130 0.00 -5.08 12.60
N GLU B 131 0.82 -5.18 13.66
CA GLU B 131 2.22 -5.53 13.44
C GLU B 131 2.37 -6.97 12.94
N MET B 132 1.51 -7.87 13.41
CA MET B 132 1.58 -9.27 12.99
C MET B 132 1.09 -9.44 11.55
N SER B 133 0.34 -8.47 11.03
CA SER B 133 -0.32 -8.65 9.74
C SER B 133 0.57 -8.34 8.56
N ARG B 134 1.82 -7.93 8.75
CA ARG B 134 2.53 -7.23 7.68
C ARG B 134 2.90 -8.17 6.54
N ILE B 135 3.30 -9.41 6.84
CA ILE B 135 3.63 -10.34 5.78
C ILE B 135 2.37 -10.70 4.98
N TRP B 136 1.29 -11.02 5.68
CA TRP B 136 0.00 -11.30 5.04
C TRP B 136 -0.40 -10.17 4.09
N THR B 137 -0.43 -8.94 4.59
CA THR B 137 -0.87 -7.80 3.80
C THR B 137 0.03 -7.56 2.60
N SER B 138 1.35 -7.55 2.82
CA SER B 138 2.27 -7.19 1.74
C SER B 138 2.24 -8.24 0.62
N PHE B 139 2.22 -9.52 0.98
CA PHE B 139 2.30 -10.55 -0.06
C PHE B 139 0.98 -10.73 -0.80
N TYR B 140 -0.15 -10.83 -0.08
CA TYR B 140 -1.42 -11.08 -0.77
C TYR B 140 -1.94 -9.88 -1.54
N THR B 141 -1.51 -8.66 -1.21
CA THR B 141 -1.84 -7.51 -2.05
C THR B 141 -0.84 -7.25 -3.16
N GLN B 142 0.40 -7.75 -3.06
CA GLN B 142 1.39 -7.44 -4.09
C GLN B 142 2.01 -8.73 -4.61
N SER B 143 3.16 -9.15 -4.08
CA SER B 143 4.04 -10.04 -4.84
C SER B 143 3.45 -11.44 -5.03
N LEU B 144 2.77 -11.99 -4.02
CA LEU B 144 2.22 -13.32 -4.23
C LEU B 144 1.05 -13.26 -5.22
N LYS B 145 0.25 -12.21 -5.15
CA LYS B 145 -0.82 -12.01 -6.12
C LYS B 145 -0.25 -11.82 -7.52
N ASN B 146 0.80 -11.03 -7.66
CA ASN B 146 1.36 -10.75 -8.99
C ASN B 146 2.05 -11.98 -9.56
N ILE B 147 2.74 -12.74 -8.69
CA ILE B 147 3.39 -13.97 -9.13
C ILE B 147 2.35 -14.98 -9.60
N ILE B 148 1.23 -15.06 -8.89
CA ILE B 148 0.20 -16.03 -9.24
C ILE B 148 -0.41 -15.68 -10.60
N ASP B 149 -0.76 -14.39 -10.79
CA ASP B 149 -1.22 -13.92 -12.08
C ASP B 149 -0.19 -14.15 -13.19
N ALA B 150 1.09 -13.89 -12.90
CA ALA B 150 2.09 -14.10 -13.94
C ALA B 150 2.27 -15.58 -14.23
N GLN B 151 2.13 -16.43 -13.21
CA GLN B 151 2.24 -17.88 -13.41
C GLN B 151 1.16 -18.37 -14.35
N TYR B 152 -0.08 -17.91 -14.13
CA TYR B 152 -1.18 -18.35 -14.98
C TYR B 152 -1.05 -17.77 -16.38
N ARG B 153 -0.48 -16.56 -16.50
CA ARG B 153 -0.28 -16.01 -17.83
C ARG B 153 0.66 -16.88 -18.66
N THR B 154 1.63 -17.53 -18.03
CA THR B 154 2.64 -18.25 -18.76
C THR B 154 2.46 -19.76 -18.67
N ALA B 155 1.35 -20.22 -18.10
CA ALA B 155 1.15 -21.65 -17.87
C ALA B 155 0.79 -22.36 -19.15
N GLU B 156 1.17 -23.64 -19.21
CA GLU B 156 0.81 -24.51 -20.33
C GLU B 156 1.21 -23.88 -21.66
N ASP B 157 2.40 -23.30 -21.70
CA ASP B 157 2.92 -22.65 -22.90
C ASP B 157 4.35 -23.13 -23.09
N ALA B 158 4.56 -23.94 -24.14
CA ALA B 158 5.87 -24.56 -24.34
C ALA B 158 6.98 -23.53 -24.53
N GLU B 159 6.64 -22.34 -25.02
CA GLU B 159 7.68 -21.34 -25.30
C GLU B 159 8.02 -20.49 -24.10
N LYS B 160 7.38 -20.72 -22.95
CA LYS B 160 7.65 -19.91 -21.77
C LYS B 160 7.85 -20.78 -20.53
N VAL B 161 8.30 -22.03 -20.71
CA VAL B 161 8.39 -22.95 -19.57
C VAL B 161 9.39 -22.47 -18.53
N ASN B 162 10.39 -21.68 -18.92
CA ASN B 162 11.40 -21.27 -17.95
C ASN B 162 10.84 -20.19 -17.03
N ILE B 163 10.28 -19.11 -17.59
CA ILE B 163 9.73 -18.07 -16.73
C ILE B 163 8.59 -18.65 -15.92
N ASN B 164 7.81 -19.55 -16.53
CA ASN B 164 6.74 -20.21 -15.81
C ASN B 164 7.28 -21.02 -14.63
N SER B 165 8.35 -21.80 -14.88
CA SER B 165 8.92 -22.62 -13.82
C SER B 165 9.54 -21.76 -12.74
N VAL B 166 10.23 -20.68 -13.13
CA VAL B 166 10.85 -19.82 -12.13
C VAL B 166 9.77 -19.19 -11.25
N LEU B 167 8.69 -18.69 -11.86
CA LEU B 167 7.56 -18.13 -11.11
C LEU B 167 6.96 -19.16 -10.18
N ARG B 168 6.82 -20.41 -10.64
CA ARG B 168 6.30 -21.45 -9.77
C ARG B 168 7.24 -21.68 -8.59
N ILE B 169 8.55 -21.63 -8.82
CA ILE B 169 9.48 -21.81 -7.70
C ILE B 169 9.38 -20.65 -6.73
N TYR B 170 9.34 -19.42 -7.23
CA TYR B 170 9.24 -18.28 -6.32
C TYR B 170 7.87 -18.18 -5.67
N ARG B 171 6.80 -18.63 -6.35
CA ARG B 171 5.50 -18.71 -5.69
C ARG B 171 5.57 -19.61 -4.46
N VAL B 172 6.23 -20.77 -4.60
CA VAL B 172 6.39 -21.67 -3.47
C VAL B 172 7.18 -20.99 -2.35
N TYR B 173 8.27 -20.31 -2.71
CA TYR B 173 9.09 -19.64 -1.69
C TYR B 173 8.30 -18.60 -0.92
N LEU B 174 7.58 -17.71 -1.62
CA LEU B 174 6.78 -16.70 -0.92
C LEU B 174 5.71 -17.36 -0.05
N MET B 175 5.04 -18.38 -0.58
CA MET B 175 4.02 -19.07 0.21
C MET B 175 4.60 -19.72 1.45
N SER B 176 5.83 -20.24 1.36
CA SER B 176 6.43 -20.87 2.52
C SER B 176 6.61 -19.88 3.66
N ILE B 177 6.97 -18.62 3.35
CA ILE B 177 7.06 -17.62 4.42
C ILE B 177 5.69 -17.41 5.06
N ILE B 178 4.64 -17.34 4.23
CA ILE B 178 3.30 -17.10 4.78
C ILE B 178 2.89 -18.25 5.70
N THR B 179 2.93 -19.49 5.21
CA THR B 179 2.44 -20.61 6.03
C THR B 179 3.32 -20.85 7.24
N ASP B 180 4.64 -20.64 7.12
CA ASP B 180 5.51 -20.78 8.29
C ASP B 180 5.31 -19.69 9.32
N THR B 181 4.60 -18.61 8.95
CA THR B 181 4.28 -17.53 9.86
C THR B 181 2.92 -17.74 10.49
N TYR B 182 1.92 -18.07 9.67
CA TYR B 182 0.54 -18.08 10.13
C TYR B 182 -0.11 -19.45 10.23
N GLY B 183 0.35 -20.43 9.46
CA GLY B 183 -0.28 -21.74 9.45
C GLY B 183 -1.08 -21.97 8.18
N ASP B 184 -2.33 -22.42 8.35
CA ASP B 184 -3.27 -22.53 7.24
C ASP B 184 -3.49 -21.16 6.61
N ALA B 185 -3.50 -21.10 5.28
CA ALA B 185 -3.55 -19.80 4.60
C ALA B 185 -3.98 -20.02 3.15
N PRO B 186 -4.50 -18.98 2.47
CA PRO B 186 -4.82 -19.11 1.04
C PRO B 186 -3.60 -19.44 0.20
N PHE B 187 -3.78 -20.37 -0.74
CA PHE B 187 -2.75 -20.75 -1.69
C PHE B 187 -3.40 -21.17 -2.99
N SER B 188 -4.12 -22.30 -2.97
CA SER B 188 -4.81 -22.77 -4.17
C SER B 188 -5.85 -21.77 -4.67
N GLU B 189 -6.51 -21.04 -3.78
CA GLU B 189 -7.48 -20.05 -4.21
C GLU B 189 -6.97 -18.61 -4.10
N ALA B 190 -5.71 -18.40 -3.71
CA ALA B 190 -5.19 -17.05 -3.62
C ALA B 190 -5.11 -16.41 -5.01
N GLY B 191 -5.37 -15.11 -5.06
CA GLY B 191 -5.22 -14.41 -6.32
C GLY B 191 -6.36 -14.59 -7.33
N LEU B 192 -7.43 -15.27 -6.96
CA LEU B 192 -8.50 -15.59 -7.91
C LEU B 192 -9.57 -14.50 -8.04
N GLY B 193 -9.41 -13.35 -7.38
CA GLY B 193 -10.34 -12.25 -7.60
C GLY B 193 -10.23 -11.68 -9.00
N PHE B 194 -9.01 -11.35 -9.40
CA PHE B 194 -8.79 -10.89 -10.78
C PHE B 194 -9.00 -12.04 -11.76
N LEU B 195 -8.53 -13.23 -11.41
CA LEU B 195 -8.54 -14.34 -12.37
C LEU B 195 -9.93 -14.93 -12.57
N GLU B 196 -10.73 -15.04 -11.50
CA GLU B 196 -12.02 -15.69 -11.62
C GLU B 196 -13.17 -14.99 -10.92
N GLY B 197 -12.98 -13.78 -10.42
CA GLY B 197 -14.04 -13.11 -9.69
C GLY B 197 -14.28 -13.64 -8.30
N LYS B 198 -13.31 -14.37 -7.71
CA LYS B 198 -13.46 -15.01 -6.40
C LYS B 198 -12.52 -14.33 -5.40
N PHE B 199 -13.10 -13.55 -4.49
CA PHE B 199 -12.33 -12.70 -3.60
C PHE B 199 -12.28 -13.23 -2.17
N ASN B 200 -12.79 -14.45 -1.92
CA ASN B 200 -12.90 -15.02 -0.58
C ASN B 200 -12.21 -16.38 -0.53
N PRO B 201 -10.87 -16.41 -0.60
CA PRO B 201 -10.18 -17.70 -0.74
C PRO B 201 -10.20 -18.51 0.55
N LYS B 202 -10.33 -19.82 0.39
CA LYS B 202 -10.23 -20.70 1.54
C LYS B 202 -8.78 -20.76 2.01
N TYR B 203 -8.58 -21.09 3.28
CA TYR B 203 -7.23 -21.31 3.81
C TYR B 203 -6.88 -22.78 3.60
N ASP B 204 -5.93 -23.06 2.71
CA ASP B 204 -5.48 -24.44 2.57
C ASP B 204 -4.82 -24.91 3.87
N LYS B 205 -4.97 -26.20 4.18
CA LYS B 205 -4.27 -26.76 5.32
C LYS B 205 -2.76 -26.71 5.08
N GLN B 206 -2.00 -26.39 6.12
CA GLN B 206 -0.55 -26.37 5.99
C GLN B 206 -0.01 -27.71 5.48
N GLU B 207 -0.58 -28.83 5.94
CA GLU B 207 -0.12 -30.13 5.46
C GLU B 207 -0.28 -30.23 3.95
N ASP B 208 -1.43 -29.78 3.43
CA ASP B 208 -1.65 -29.78 1.97
C ASP B 208 -0.76 -28.76 1.28
N ILE B 209 -0.52 -27.61 1.90
CA ILE B 209 0.38 -26.62 1.31
C ILE B 209 1.77 -27.23 1.14
N TYR B 210 2.23 -27.98 2.15
CA TYR B 210 3.58 -28.54 2.05
C TYR B 210 3.64 -29.66 1.02
N ASN B 211 2.57 -30.49 0.96
CA ASN B 211 2.39 -31.42 -0.16
C ASN B 211 2.52 -30.71 -1.52
N ALA B 212 1.82 -29.58 -1.69
CA ALA B 212 1.87 -28.89 -2.97
C ALA B 212 3.26 -28.32 -3.25
N PHE B 213 3.98 -27.90 -2.20
CA PHE B 213 5.34 -27.42 -2.40
C PHE B 213 6.17 -28.46 -3.15
N PHE B 214 6.17 -29.69 -2.65
CA PHE B 214 7.03 -30.71 -3.25
C PHE B 214 6.63 -30.97 -4.69
N LEU B 215 5.33 -31.07 -4.96
CA LEU B 215 4.85 -31.35 -6.31
C LEU B 215 5.22 -30.22 -7.25
N GLU B 216 5.05 -28.97 -6.82
CA GLU B 216 5.37 -27.81 -7.67
C GLU B 216 6.86 -27.74 -7.97
N LEU B 217 7.68 -27.87 -6.92
CA LEU B 217 9.14 -27.81 -7.10
C LEU B 217 9.63 -28.93 -8.01
N GLU B 218 9.13 -30.15 -7.78
CA GLU B 218 9.47 -31.28 -8.66
C GLU B 218 9.12 -30.97 -10.12
N ASP B 219 7.89 -30.53 -10.38
CA ASP B 219 7.47 -30.30 -11.77
C ASP B 219 8.27 -29.17 -12.40
N ALA B 220 8.46 -28.07 -11.64
CA ALA B 220 9.25 -26.94 -12.15
C ALA B 220 10.65 -27.38 -12.56
N VAL B 221 11.28 -28.22 -11.74
CA VAL B 221 12.62 -28.72 -12.07
C VAL B 221 12.60 -29.47 -13.41
N ASN B 222 11.56 -30.29 -13.62
CA ASN B 222 11.44 -31.12 -14.84
C ASN B 222 10.95 -30.37 -16.07
N LYS B 223 10.34 -29.20 -15.92
CA LYS B 223 9.91 -28.40 -17.07
C LYS B 223 10.99 -27.45 -17.57
N ILE B 224 11.94 -27.07 -16.70
CA ILE B 224 12.99 -26.14 -17.12
C ILE B 224 13.78 -26.73 -18.27
N ASP B 225 14.10 -25.88 -19.24
CA ASP B 225 14.75 -26.31 -20.47
C ASP B 225 15.55 -25.14 -21.00
N PRO B 226 16.89 -25.21 -20.89
CA PRO B 226 17.73 -24.06 -21.30
C PRO B 226 17.59 -23.65 -22.75
N THR B 227 16.93 -24.43 -23.60
CA THR B 227 16.84 -24.08 -25.00
C THR B 227 15.64 -23.21 -25.32
N LYS B 228 14.83 -22.89 -24.31
CA LYS B 228 13.57 -22.21 -24.49
C LYS B 228 13.73 -20.72 -24.12
N ASP B 229 12.87 -20.13 -23.31
CA ASP B 229 12.83 -18.68 -23.18
C ASP B 229 13.90 -18.18 -22.23
N LYS B 230 14.43 -16.99 -22.53
CA LYS B 230 15.43 -16.36 -21.67
C LYS B 230 14.73 -15.59 -20.56
N VAL B 231 15.16 -15.83 -19.32
CA VAL B 231 14.58 -15.18 -18.15
C VAL B 231 15.34 -13.88 -17.93
N THR B 232 14.65 -12.75 -18.08
CA THR B 232 15.33 -11.45 -18.15
C THR B 232 15.23 -10.59 -16.88
N GLY B 233 14.33 -10.90 -15.95
CA GLY B 233 14.23 -10.00 -14.79
C GLY B 233 14.69 -10.62 -13.48
N ASP B 234 15.64 -11.57 -13.54
CA ASP B 234 16.07 -12.38 -12.40
C ASP B 234 17.20 -11.67 -11.66
N LEU B 235 16.93 -11.24 -10.44
CA LEU B 235 17.92 -10.58 -9.60
C LEU B 235 18.63 -11.55 -8.67
N ILE B 236 18.38 -12.84 -8.80
CA ILE B 236 19.04 -13.86 -8.00
C ILE B 236 20.12 -14.57 -8.79
N TYR B 237 19.74 -15.13 -9.95
CA TYR B 237 20.66 -15.92 -10.78
C TYR B 237 20.88 -15.33 -12.18
N ALA B 238 20.42 -14.11 -12.44
CA ALA B 238 20.58 -13.47 -13.75
C ALA B 238 20.06 -14.34 -14.90
N GLY B 239 19.08 -15.20 -14.64
CA GLY B 239 18.47 -16.02 -15.67
C GLY B 239 19.03 -17.42 -15.83
N ASP B 240 19.98 -17.83 -14.99
CA ASP B 240 20.59 -19.15 -15.11
C ASP B 240 19.61 -20.18 -14.59
N VAL B 241 18.94 -20.89 -15.51
CA VAL B 241 17.85 -21.76 -15.09
C VAL B 241 18.35 -23.03 -14.44
N THR B 242 19.61 -23.41 -14.68
CA THR B 242 20.15 -24.58 -13.99
C THR B 242 20.32 -24.31 -12.50
N LYS B 243 20.73 -23.09 -12.16
CA LYS B 243 20.80 -22.71 -10.75
C LYS B 243 19.42 -22.67 -10.12
N TRP B 244 18.38 -22.32 -10.90
CA TRP B 244 17.02 -22.35 -10.38
C TRP B 244 16.59 -23.77 -10.05
N GLN B 245 17.08 -24.76 -10.81
CA GLN B 245 16.78 -26.13 -10.45
C GLN B 245 17.47 -26.52 -9.14
N GLN B 246 18.72 -26.07 -8.97
CA GLN B 246 19.42 -26.34 -7.71
C GLN B 246 18.68 -25.71 -6.54
N LEU B 247 18.20 -24.47 -6.71
CA LEU B 247 17.43 -23.81 -5.66
C LEU B 247 16.16 -24.58 -5.36
N ALA B 248 15.41 -24.95 -6.40
CA ALA B 248 14.19 -25.72 -6.19
C ALA B 248 14.45 -27.01 -5.43
N ASN B 249 15.48 -27.75 -5.85
CA ASN B 249 15.78 -29.00 -5.17
C ASN B 249 16.29 -28.75 -3.75
N SER B 250 17.02 -27.66 -3.53
CA SER B 250 17.44 -27.33 -2.18
C SER B 250 16.26 -26.92 -1.30
N LEU B 251 15.27 -26.23 -1.89
CA LEU B 251 14.06 -25.90 -1.15
C LEU B 251 13.29 -27.16 -0.78
N ARG B 252 13.32 -28.16 -1.66
CA ARG B 252 12.72 -29.45 -1.33
C ARG B 252 13.39 -30.05 -0.10
N LEU B 253 14.73 -29.91 0.00
CA LEU B 253 15.44 -30.42 1.19
C LEU B 253 15.03 -29.68 2.45
N ARG B 254 14.92 -28.35 2.34
CA ARG B 254 14.45 -27.53 3.46
C ARG B 254 13.07 -27.99 3.92
N PHE B 255 12.14 -28.13 2.97
CA PHE B 255 10.79 -28.51 3.34
C PHE B 255 10.71 -29.98 3.77
N ALA B 256 11.56 -30.84 3.19
CA ALA B 256 11.61 -32.23 3.68
C ALA B 256 12.08 -32.28 5.13
N MET B 257 13.18 -31.59 5.44
CA MET B 257 13.64 -31.55 6.82
C MET B 257 12.60 -30.89 7.72
N ARG B 258 11.88 -29.88 7.21
CA ARG B 258 10.87 -29.21 8.04
C ARG B 258 9.83 -30.20 8.55
N ILE B 259 9.41 -31.15 7.71
CA ILE B 259 8.32 -32.03 8.10
C ILE B 259 8.84 -33.34 8.67
N SER B 260 10.11 -33.36 9.10
CA SER B 260 10.69 -34.62 9.54
C SER B 260 10.17 -35.06 10.90
N SER B 261 9.63 -34.16 11.72
CA SER B 261 9.04 -34.61 12.98
C SER B 261 7.60 -35.07 12.76
N VAL B 262 6.83 -34.37 11.93
CA VAL B 262 5.40 -34.65 11.83
C VAL B 262 5.14 -35.83 10.89
N ASN B 263 5.98 -36.02 9.88
CA ASN B 263 5.80 -37.09 8.89
C ASN B 263 7.18 -37.59 8.48
N PRO B 264 7.82 -38.39 9.35
CA PRO B 264 9.20 -38.85 9.08
C PRO B 264 9.35 -39.62 7.79
N THR B 265 8.38 -40.47 7.45
CA THR B 265 8.48 -41.31 6.26
C THR B 265 8.47 -40.47 5.00
N LYS B 266 7.46 -39.61 4.85
CA LYS B 266 7.44 -38.70 3.70
C LYS B 266 8.68 -37.82 3.68
N ALA B 267 9.09 -37.30 4.84
CA ALA B 267 10.24 -36.40 4.90
C ALA B 267 11.46 -37.03 4.26
N GLN B 268 11.79 -38.26 4.67
CA GLN B 268 12.92 -39.00 4.13
C GLN B 268 12.80 -39.22 2.63
N THR B 269 11.64 -39.72 2.18
CA THR B 269 11.40 -39.87 0.75
C THR B 269 11.62 -38.56 0.01
N GLU B 270 11.00 -37.47 0.47
CA GLU B 270 11.14 -36.21 -0.26
C GLU B 270 12.59 -35.74 -0.26
N PHE B 271 13.29 -35.96 0.86
CA PHE B 271 14.69 -35.52 0.92
C PHE B 271 15.55 -36.30 -0.07
N GLU B 272 15.37 -37.63 -0.12
CA GLU B 272 16.13 -38.46 -1.05
C GLU B 272 15.73 -38.21 -2.50
N ASN B 273 14.46 -37.93 -2.77
CA ASN B 273 14.05 -37.60 -4.14
C ASN B 273 14.74 -36.35 -4.64
N ALA B 274 14.83 -35.32 -3.78
CA ALA B 274 15.42 -34.06 -4.20
C ALA B 274 16.90 -34.23 -4.55
N LEU B 275 17.61 -35.08 -3.80
CA LEU B 275 19.03 -35.26 -4.09
C LEU B 275 19.25 -35.87 -5.47
N ALA B 276 18.33 -36.71 -5.91
CA ALA B 276 18.47 -37.39 -7.18
C ALA B 276 17.83 -36.64 -8.34
N ALA B 277 17.25 -35.46 -8.11
CA ALA B 277 16.50 -34.78 -9.16
C ALA B 277 17.43 -34.09 -10.15
N ASN B 278 16.88 -33.76 -11.33
CA ASN B 278 17.59 -33.02 -12.36
C ASN B 278 18.19 -31.74 -11.78
N GLY B 279 19.46 -31.46 -12.12
CA GLY B 279 20.15 -30.29 -11.66
C GLY B 279 20.88 -30.44 -10.34
N GLY B 280 20.48 -31.39 -9.49
CA GLY B 280 21.13 -31.43 -8.20
C GLY B 280 20.65 -30.33 -7.27
N VAL B 281 21.37 -30.18 -6.15
CA VAL B 281 21.07 -29.16 -5.16
C VAL B 281 22.22 -28.18 -5.14
N ILE B 282 22.15 -27.20 -4.24
CA ILE B 282 23.19 -26.17 -4.12
C ILE B 282 24.33 -26.82 -3.34
N THR B 283 25.40 -27.19 -4.04
CA THR B 283 26.52 -27.86 -3.36
C THR B 283 27.65 -26.91 -3.05
N ASP B 284 27.60 -25.68 -3.58
CA ASP B 284 28.74 -24.77 -3.56
C ASP B 284 28.21 -23.35 -3.52
N ALA B 285 28.98 -22.45 -2.88
CA ALA B 285 28.46 -21.11 -2.61
C ALA B 285 28.23 -20.30 -3.87
N SER B 286 28.85 -20.70 -4.98
CA SER B 286 28.64 -19.99 -6.24
C SER B 286 27.22 -20.15 -6.78
N SER B 287 26.40 -21.03 -6.19
CA SER B 287 24.98 -21.16 -6.51
C SER B 287 24.08 -20.70 -5.36
N ASP B 288 24.62 -19.93 -4.41
CA ASP B 288 23.79 -19.37 -3.34
C ASP B 288 22.70 -18.49 -3.92
N ALA B 289 21.52 -18.54 -3.32
CA ALA B 289 20.36 -17.78 -3.82
C ALA B 289 20.26 -16.48 -3.02
N LEU B 290 20.73 -15.38 -3.63
CA LEU B 290 20.82 -14.07 -2.99
C LEU B 290 20.19 -13.02 -3.90
N ILE B 291 19.20 -12.29 -3.38
CA ILE B 291 18.60 -11.20 -4.15
C ILE B 291 19.53 -10.01 -4.13
N LYS B 292 19.78 -9.42 -5.29
CA LYS B 292 20.67 -8.26 -5.40
C LYS B 292 19.88 -6.97 -5.17
N TYR B 293 20.34 -6.18 -4.22
CA TYR B 293 19.77 -4.86 -3.94
C TYR B 293 20.81 -3.81 -4.25
N MET B 294 20.36 -2.58 -4.41
CA MET B 294 21.29 -1.50 -4.72
C MET B 294 21.34 -0.50 -3.59
N THR B 295 22.21 0.50 -3.73
CA THR B 295 22.37 1.52 -2.71
C THR B 295 21.40 2.67 -2.95
N ILE B 296 20.43 2.85 -2.07
CA ILE B 296 19.63 4.06 -2.06
C ILE B 296 19.67 4.64 -0.66
N ALA B 297 19.23 5.89 -0.54
CA ALA B 297 19.22 6.55 0.76
C ALA B 297 18.29 5.83 1.74
N PHE B 298 18.63 5.90 3.01
CA PHE B 298 17.74 5.46 4.07
C PHE B 298 16.78 6.60 4.39
N SER B 299 15.51 6.47 4.01
CA SER B 299 14.51 7.45 4.40
C SER B 299 13.28 6.76 4.95
N PHE B 300 12.66 7.37 5.95
CA PHE B 300 11.37 6.91 6.44
C PHE B 300 10.23 7.82 6.02
N GLY B 301 10.47 8.71 5.05
CA GLY B 301 9.42 9.54 4.49
C GLY B 301 8.50 8.74 3.58
N GLN B 302 7.41 9.40 3.15
CA GLN B 302 6.34 8.73 2.40
C GLN B 302 6.88 7.95 1.23
N GLU B 303 7.67 8.61 0.38
CA GLU B 303 8.04 8.02 -0.90
C GLU B 303 8.90 6.79 -0.73
N ALA B 304 9.60 6.69 0.41
CA ALA B 304 10.42 5.52 0.61
C ALA B 304 9.60 4.25 0.74
N TYR B 305 8.31 4.35 1.07
CA TYR B 305 7.55 3.12 1.25
C TYR B 305 7.11 2.49 -0.07
N SER B 306 7.39 3.13 -1.20
CA SER B 306 7.07 2.57 -2.51
C SER B 306 8.32 2.33 -3.35
N ASP B 307 9.47 2.20 -2.71
CA ASP B 307 10.75 1.94 -3.38
C ASP B 307 11.32 0.65 -2.80
N TYR B 308 11.39 -0.39 -3.62
CA TYR B 308 11.89 -1.69 -3.19
C TYR B 308 13.30 -1.98 -3.67
N ARG B 309 14.01 -0.97 -4.22
CA ARG B 309 15.30 -1.22 -4.84
C ARG B 309 16.42 -1.46 -3.82
N GLY B 310 16.27 -0.98 -2.58
CA GLY B 310 17.26 -1.23 -1.56
C GLY B 310 16.80 -2.25 -0.53
N ASN B 311 17.75 -2.83 0.21
CA ASN B 311 17.43 -3.72 1.32
C ASN B 311 16.84 -2.90 2.46
N SER B 312 15.53 -3.07 2.73
CA SER B 312 14.89 -2.31 3.79
C SER B 312 15.02 -2.97 5.15
N LEU B 313 15.35 -4.25 5.19
CA LEU B 313 15.70 -4.88 6.46
C LEU B 313 16.97 -4.25 7.03
N SER B 314 17.98 -4.05 6.19
CA SER B 314 19.19 -3.37 6.63
C SER B 314 18.87 -1.95 7.08
N GLN B 315 18.01 -1.24 6.35
CA GLN B 315 17.56 0.09 6.76
C GLN B 315 16.96 0.07 8.17
N LEU B 316 16.03 -0.87 8.41
CA LEU B 316 15.39 -0.96 9.71
C LEU B 316 16.37 -1.35 10.80
N LEU B 317 17.31 -2.25 10.50
CA LEU B 317 18.27 -2.62 11.54
C LEU B 317 19.21 -1.47 11.85
N PHE B 318 19.42 -0.57 10.88
CA PHE B 318 20.06 0.70 11.20
C PHE B 318 19.15 1.54 12.08
N GLY B 319 17.89 1.67 11.70
CA GLY B 319 16.92 2.22 12.63
C GLY B 319 16.33 3.54 12.15
N ASN B 320 15.06 3.76 12.51
CA ASN B 320 14.46 5.09 12.37
C ASN B 320 14.91 6.01 13.50
N ASP B 321 15.42 5.43 14.58
CA ASP B 321 16.02 6.16 15.70
C ASP B 321 17.40 5.56 15.95
N PRO B 322 18.35 5.77 15.03
CA PRO B 322 19.57 4.94 15.05
C PRO B 322 20.51 5.26 16.19
N ALA B 323 20.51 6.48 16.72
CA ALA B 323 21.44 6.79 17.81
C ALA B 323 20.99 6.15 19.11
N ASN B 324 19.70 6.16 19.39
CA ASN B 324 19.25 5.66 20.69
C ASN B 324 18.63 4.28 20.60
N ASN B 325 18.23 3.82 19.44
CA ASN B 325 17.69 2.46 19.30
C ASN B 325 18.36 1.78 18.12
N PRO B 326 19.65 1.46 18.24
CA PRO B 326 20.31 0.63 17.22
C PRO B 326 19.93 -0.84 17.39
N SER B 327 20.46 -1.70 16.55
CA SER B 327 20.27 -3.14 16.73
C SER B 327 21.28 -3.63 17.75
N TYR B 328 20.87 -3.62 19.01
CA TYR B 328 21.63 -4.28 20.06
C TYR B 328 21.45 -5.80 19.99
N LEU B 329 22.53 -6.54 20.27
CA LEU B 329 22.46 -7.99 20.22
C LEU B 329 21.89 -8.59 21.50
N CYS B 330 21.14 -9.66 21.35
CA CYS B 330 20.63 -10.40 22.50
C CYS B 330 21.76 -11.23 23.12
N SER B 331 21.73 -11.36 24.46
CA SER B 331 22.77 -12.13 25.15
C SER B 331 22.79 -13.59 24.71
N THR B 332 21.64 -14.18 24.40
CA THR B 332 21.63 -15.58 23.96
C THR B 332 22.55 -15.78 22.76
N PHE B 333 22.45 -14.89 21.78
CA PHE B 333 23.22 -15.00 20.54
C PHE B 333 24.67 -14.55 20.75
N PHE B 334 24.87 -13.44 21.47
CA PHE B 334 26.23 -12.96 21.65
C PHE B 334 27.05 -13.93 22.50
N ASN B 335 26.46 -14.47 23.56
CA ASN B 335 27.20 -15.38 24.43
C ASN B 335 27.50 -16.70 23.73
N GLN B 336 26.58 -17.20 22.91
CA GLN B 336 26.88 -18.37 22.09
C GLN B 336 28.13 -18.12 21.26
N LEU B 337 28.21 -16.95 20.61
CA LEU B 337 29.36 -16.63 19.79
C LEU B 337 30.61 -16.43 20.64
N TYR B 338 30.53 -15.53 21.63
CA TYR B 338 31.70 -15.17 22.42
C TYR B 338 32.22 -16.38 23.21
N ASN B 339 31.35 -17.02 24.00
CA ASN B 339 31.77 -18.12 24.85
C ASN B 339 32.23 -19.34 24.07
N SER B 340 31.84 -19.49 22.83
CA SER B 340 32.36 -20.60 22.05
C SER B 340 33.64 -20.25 21.30
N GLY B 341 34.13 -19.01 21.44
CA GLY B 341 35.27 -18.59 20.66
C GLY B 341 34.99 -18.47 19.17
N ASP B 342 33.72 -18.30 18.80
CA ASP B 342 33.33 -18.23 17.40
C ASP B 342 34.03 -17.06 16.71
N PRO B 343 34.70 -17.29 15.58
CA PRO B 343 35.38 -16.17 14.88
C PRO B 343 34.42 -15.12 14.35
N ARG B 344 33.13 -15.42 14.25
CA ARG B 344 32.19 -14.43 13.76
C ARG B 344 31.73 -13.45 14.84
N THR B 345 32.12 -13.67 16.10
CA THR B 345 31.63 -12.85 17.19
C THR B 345 31.71 -11.37 16.87
N PHE B 346 32.89 -10.90 16.45
CA PHE B 346 33.10 -9.49 16.15
C PHE B 346 33.15 -9.22 14.66
N LYS B 347 32.74 -10.18 13.85
CA LYS B 347 32.35 -9.90 12.47
C LYS B 347 30.89 -9.45 12.41
N ILE B 348 30.04 -10.10 13.21
CA ILE B 348 28.62 -9.77 13.31
C ILE B 348 28.39 -8.56 14.22
N SER B 349 29.18 -8.41 15.29
CA SER B 349 28.90 -7.39 16.28
C SER B 349 30.13 -6.53 16.56
N ARG B 350 29.87 -5.28 16.93
CA ARG B 350 30.88 -4.33 17.39
C ARG B 350 30.26 -3.51 18.51
N CYS B 351 31.13 -2.96 19.34
CA CYS B 351 30.73 -1.89 20.25
C CYS B 351 31.12 -0.58 19.59
N TYR B 352 30.17 0.35 19.47
CA TYR B 352 30.38 1.64 18.82
C TYR B 352 30.02 2.78 19.77
N TYR B 353 30.80 3.86 19.72
CA TYR B 353 30.36 5.15 20.23
C TYR B 353 29.76 5.93 19.06
N ASP B 354 28.52 6.34 19.21
CA ASP B 354 27.76 6.89 18.09
C ASP B 354 27.47 8.38 18.24
N GLY B 355 28.21 9.08 19.09
CA GLY B 355 27.93 10.49 19.34
C GLY B 355 28.07 11.38 18.11
N LEU B 356 28.95 11.00 17.19
CA LEU B 356 29.13 11.78 15.97
C LEU B 356 28.46 11.13 14.75
N MET B 357 27.64 10.11 14.96
CA MET B 357 27.07 9.36 13.85
C MET B 357 26.00 10.17 13.15
N SER B 358 25.96 10.05 11.82
CA SER B 358 24.93 10.72 11.03
C SER B 358 23.55 10.16 11.37
N ALA B 359 22.52 10.94 11.06
CA ALA B 359 21.16 10.51 11.30
C ALA B 359 20.66 9.54 10.24
N THR B 360 21.27 9.49 9.06
CA THR B 360 20.74 8.70 7.96
C THR B 360 21.69 7.62 7.46
N SER B 361 22.86 7.45 8.06
CA SER B 361 23.76 6.38 7.61
C SER B 361 24.72 6.05 8.73
N PRO B 362 25.26 4.83 8.76
CA PRO B 362 26.16 4.46 9.86
C PRO B 362 27.58 4.95 9.69
N ASP B 363 27.76 6.19 9.24
CA ASP B 363 29.08 6.79 9.07
C ASP B 363 29.49 7.52 10.34
N ASN B 364 30.82 7.62 10.53
CA ASN B 364 31.40 8.36 11.64
C ASN B 364 31.10 7.71 12.98
N ARG B 365 30.94 6.41 13.01
CA ARG B 365 30.87 5.70 14.26
C ARG B 365 32.28 5.41 14.72
N VAL B 366 32.46 5.32 16.03
CA VAL B 366 33.76 5.08 16.63
C VAL B 366 33.77 3.66 17.18
N ASP B 367 34.56 2.79 16.58
CA ASP B 367 34.65 1.38 16.97
C ASP B 367 35.56 1.26 18.20
N ILE B 368 34.98 0.88 19.33
CA ILE B 368 35.72 0.72 20.59
C ILE B 368 35.91 -0.74 20.95
N THR B 369 35.58 -1.66 20.04
CA THR B 369 35.64 -3.09 20.37
C THR B 369 37.04 -3.50 20.81
N GLN B 370 38.06 -3.15 20.04
CA GLN B 370 39.41 -3.59 20.39
C GLN B 370 39.89 -2.95 21.68
N GLU B 371 39.57 -1.67 21.89
CA GLU B 371 39.88 -1.01 23.15
C GLU B 371 39.23 -1.75 24.33
N MET B 372 37.95 -2.13 24.19
CA MET B 372 37.32 -2.91 25.26
C MET B 372 38.09 -4.20 25.53
N ILE B 373 38.51 -4.89 24.46
CA ILE B 373 39.23 -6.15 24.61
C ILE B 373 40.57 -5.90 25.30
N GLU B 374 41.31 -4.87 24.88
CA GLU B 374 42.61 -4.59 25.48
C GLU B 374 42.48 -4.26 26.97
N LYS B 375 41.46 -3.50 27.34
CA LYS B 375 41.27 -3.11 28.73
C LYS B 375 40.51 -4.15 29.54
N GLY B 376 40.10 -5.25 28.93
CA GLY B 376 39.32 -6.24 29.66
C GLY B 376 37.94 -5.78 30.12
N ILE B 377 37.26 -4.94 29.33
CA ILE B 377 35.93 -4.48 29.72
C ILE B 377 34.91 -5.55 29.34
N ALA B 378 33.97 -5.86 30.23
CA ALA B 378 32.92 -6.83 29.91
C ALA B 378 31.94 -6.26 28.88
N PHE B 379 31.60 -7.09 27.90
CA PHE B 379 30.49 -6.80 27.00
C PHE B 379 29.17 -7.07 27.72
N SER B 380 28.15 -6.26 27.43
CA SER B 380 26.89 -6.33 28.18
C SER B 380 25.70 -6.48 27.22
N PRO B 381 25.57 -7.63 26.57
CA PRO B 381 24.43 -7.85 25.68
C PRO B 381 23.14 -7.98 26.47
N ARG B 382 22.03 -7.84 25.78
CA ARG B 382 20.73 -7.72 26.43
C ARG B 382 20.06 -9.09 26.57
N ASP B 383 19.68 -9.43 27.80
CA ASP B 383 18.87 -10.63 28.03
C ASP B 383 17.50 -10.50 27.34
N PRO B 384 16.87 -11.63 26.99
CA PRO B 384 15.50 -11.58 26.45
C PRO B 384 14.54 -10.82 27.36
N GLY B 385 13.89 -9.79 26.82
CA GLY B 385 13.03 -8.93 27.61
C GLY B 385 13.64 -7.60 28.02
N ALA B 386 14.94 -7.40 27.80
CA ALA B 386 15.62 -6.24 28.36
C ALA B 386 15.71 -5.11 27.34
N TYR B 387 15.55 -3.89 27.83
CA TYR B 387 15.89 -2.70 27.07
C TYR B 387 17.37 -2.38 27.24
N SER B 388 17.86 -1.48 26.36
CA SER B 388 19.25 -1.04 26.45
C SER B 388 19.52 -0.32 27.76
N TRP B 389 18.49 0.29 28.34
CA TRP B 389 18.66 1.11 29.52
C TRP B 389 18.31 0.36 30.79
N GLU B 390 18.10 -0.94 30.70
CA GLU B 390 17.54 -1.72 31.81
C GLU B 390 17.85 -3.20 31.58
N PRO B 391 18.88 -3.74 32.23
CA PRO B 391 19.75 -3.10 33.23
C PRO B 391 20.80 -2.14 32.64
N TRP B 392 21.07 -1.04 33.34
CA TRP B 392 22.07 -0.08 32.87
C TRP B 392 23.46 -0.65 33.12
N PRO B 393 24.31 -0.74 32.09
CA PRO B 393 25.61 -1.41 32.26
C PRO B 393 26.70 -0.50 32.84
N THR B 394 27.67 -1.17 33.45
CA THR B 394 28.91 -0.53 33.89
C THR B 394 29.76 -0.23 32.67
N GLY B 395 30.25 0.99 32.58
CA GLY B 395 31.07 1.42 31.48
C GLY B 395 32.52 1.55 31.87
N TYR B 396 33.22 2.42 31.16
CA TYR B 396 34.66 2.56 31.33
C TYR B 396 35.06 3.84 30.61
N ASP B 397 36.28 4.32 30.89
CA ASP B 397 36.80 5.53 30.27
C ASP B 397 37.55 5.17 28.99
N SER B 398 37.09 5.70 27.87
CA SER B 398 37.66 5.40 26.56
C SER B 398 38.75 6.40 26.23
N ASP B 399 39.95 5.89 25.93
CA ASP B 399 41.07 6.72 25.47
C ASP B 399 40.83 7.22 24.06
N ILE B 400 40.23 6.38 23.20
CA ILE B 400 39.89 6.84 21.85
C ILE B 400 38.96 8.04 21.90
N CYS B 401 37.92 7.96 22.74
CA CYS B 401 36.96 9.06 22.72
C CYS B 401 37.52 10.28 23.44
N ALA B 402 38.34 10.07 24.47
CA ALA B 402 39.02 11.19 25.09
C ALA B 402 39.84 11.98 24.07
N GLU B 403 40.55 11.29 23.18
CA GLU B 403 41.33 11.96 22.15
C GLU B 403 40.43 12.64 21.12
N LEU B 404 39.30 12.02 20.78
CA LEU B 404 38.36 12.64 19.87
C LEU B 404 37.81 13.94 20.45
N ALA B 405 37.64 13.97 21.78
CA ALA B 405 36.93 15.09 22.41
C ALA B 405 37.74 16.38 22.33
N VAL B 406 39.05 16.29 22.05
CA VAL B 406 39.88 17.49 21.96
C VAL B 406 39.41 18.39 20.83
N ASN B 407 39.13 17.82 19.66
CA ASN B 407 38.62 18.59 18.53
C ASN B 407 37.11 18.48 18.33
N ASN B 408 36.41 17.71 19.17
CA ASN B 408 34.96 17.53 19.02
C ASN B 408 34.37 17.63 20.41
N PRO B 409 34.07 18.85 20.87
CA PRO B 409 33.74 19.03 22.29
C PRO B 409 32.44 18.36 22.70
N SER B 410 31.56 18.03 21.77
CA SER B 410 30.33 17.32 22.10
C SER B 410 30.56 15.85 22.46
N VAL B 411 31.78 15.33 22.31
CA VAL B 411 32.06 13.92 22.55
C VAL B 411 32.26 13.69 24.04
N THR B 412 31.63 12.66 24.58
CA THR B 412 31.93 12.21 25.94
C THR B 412 33.00 11.12 25.90
N ALA B 413 33.72 10.98 27.01
CA ALA B 413 34.79 9.99 27.06
C ALA B 413 34.48 8.85 28.02
N THR B 414 33.38 8.91 28.74
CA THR B 414 32.94 7.79 29.57
C THR B 414 31.85 7.02 28.82
N MET B 415 32.14 5.75 28.53
CA MET B 415 31.19 4.90 27.83
C MET B 415 30.16 4.38 28.82
N ALA B 416 28.92 4.22 28.36
CA ALA B 416 27.93 3.55 29.21
C ALA B 416 27.26 2.43 28.44
N ARG B 417 26.16 2.73 27.74
CA ARG B 417 25.49 1.70 26.96
C ARG B 417 26.29 1.27 25.74
N GLU B 418 27.39 1.97 25.44
CA GLU B 418 28.28 1.60 24.34
C GLU B 418 28.95 0.24 24.57
N VAL B 419 28.93 -0.29 25.80
CA VAL B 419 29.51 -1.60 26.04
C VAL B 419 28.55 -2.73 25.70
N GLU B 420 27.32 -2.39 25.27
CA GLU B 420 26.34 -3.35 24.73
C GLU B 420 26.63 -3.58 23.25
N PRO B 421 27.00 -4.80 22.86
CA PRO B 421 27.34 -5.05 21.45
C PRO B 421 26.17 -4.72 20.53
N LYS B 422 26.51 -4.26 19.33
CA LYS B 422 25.58 -3.77 18.33
C LYS B 422 25.87 -4.47 17.02
N LEU B 423 24.87 -4.52 16.15
CA LEU B 423 25.08 -5.09 14.83
C LEU B 423 26.13 -4.28 14.08
N ALA B 424 27.09 -4.97 13.46
CA ALA B 424 28.18 -4.30 12.78
C ALA B 424 27.70 -3.62 11.51
N ASN B 425 28.45 -2.59 11.10
CA ASN B 425 28.10 -1.76 9.94
C ASN B 425 27.94 -2.59 8.67
N ASN B 426 28.63 -3.73 8.59
CA ASN B 426 28.58 -4.55 7.38
C ASN B 426 27.17 -5.03 7.08
N PHE B 427 26.34 -5.14 8.11
CA PHE B 427 24.97 -5.60 7.97
C PHE B 427 23.97 -4.44 7.93
N LEU B 428 24.43 -3.20 7.74
CA LEU B 428 23.56 -2.02 7.77
C LEU B 428 23.63 -1.26 6.45
N LYS B 429 23.68 -2.00 5.35
CA LYS B 429 23.91 -1.42 4.03
C LYS B 429 22.72 -1.68 3.14
N SER B 430 22.32 -0.65 2.40
CA SER B 430 21.20 -0.78 1.47
C SER B 430 21.45 -1.85 0.42
N ASP B 431 22.71 -2.04 0.01
CA ASP B 431 22.99 -3.08 -0.97
C ASP B 431 23.30 -4.45 -0.35
N ASN B 432 23.12 -4.64 0.97
CA ASN B 432 23.15 -5.99 1.53
C ASN B 432 22.24 -6.91 0.72
N PRO B 433 22.62 -8.16 0.49
CA PRO B 433 21.78 -9.07 -0.30
C PRO B 433 20.58 -9.55 0.49
N GLY B 434 19.55 -10.00 -0.25
CA GLY B 434 18.44 -10.70 0.35
C GLY B 434 18.63 -12.19 0.31
N VAL B 435 18.85 -12.82 1.46
CA VAL B 435 19.24 -14.22 1.52
C VAL B 435 18.00 -15.11 1.34
N VAL B 436 18.02 -15.96 0.32
CA VAL B 436 16.95 -16.93 0.09
C VAL B 436 17.42 -18.29 0.61
N MET B 437 18.53 -18.80 0.08
CA MET B 437 19.09 -20.06 0.60
C MET B 437 20.57 -20.15 0.24
N THR B 438 21.33 -20.88 1.08
CA THR B 438 22.79 -20.95 0.95
C THR B 438 23.26 -22.39 0.89
N SER B 439 24.45 -22.59 0.31
CA SER B 439 25.05 -23.93 0.36
C SER B 439 25.34 -24.36 1.79
N ALA B 440 25.68 -23.41 2.68
CA ALA B 440 25.90 -23.79 4.08
C ALA B 440 24.67 -24.48 4.66
N GLU B 441 23.47 -23.98 4.36
CA GLU B 441 22.28 -24.63 4.87
C GLU B 441 22.14 -26.05 4.31
N VAL B 442 22.45 -26.22 3.02
CA VAL B 442 22.34 -27.54 2.42
C VAL B 442 23.24 -28.53 3.17
N LYS B 443 24.45 -28.11 3.51
CA LYS B 443 25.35 -28.95 4.30
C LYS B 443 24.71 -29.33 5.62
N PHE B 444 24.12 -28.35 6.31
CA PHE B 444 23.54 -28.64 7.61
C PHE B 444 22.34 -29.58 7.47
N LEU B 445 21.57 -29.41 6.39
CA LEU B 445 20.44 -30.30 6.15
C LEU B 445 20.92 -31.71 5.85
N MET B 446 21.96 -31.85 5.01
CA MET B 446 22.64 -33.12 4.77
C MET B 446 23.17 -33.72 6.07
N ALA B 447 23.81 -32.91 6.90
CA ALA B 447 24.37 -33.43 8.15
C ALA B 447 23.28 -34.03 9.02
N GLU B 448 22.13 -33.35 9.09
CA GLU B 448 21.04 -33.85 9.94
C GLU B 448 20.36 -35.04 9.30
N ALA B 449 20.28 -35.06 7.96
CA ALA B 449 19.70 -36.23 7.32
C ALA B 449 20.57 -37.45 7.57
N THR B 450 21.89 -37.25 7.59
CA THR B 450 22.81 -38.35 7.87
C THR B 450 22.71 -38.82 9.32
N VAL B 451 22.50 -37.91 10.29
CA VAL B 451 22.35 -38.36 11.67
C VAL B 451 21.06 -39.15 11.83
N LYS B 452 20.02 -38.79 11.08
CA LYS B 452 18.77 -39.53 11.11
C LYS B 452 18.83 -40.82 10.29
N LYS B 453 19.98 -41.12 9.66
CA LYS B 453 20.23 -42.39 8.98
C LYS B 453 19.48 -42.53 7.66
N TRP B 454 19.16 -41.43 7.02
CA TRP B 454 18.63 -41.49 5.66
C TRP B 454 19.76 -41.80 4.69
N ASN B 455 19.38 -42.14 3.45
CA ASN B 455 20.32 -42.57 2.42
C ASN B 455 20.65 -41.37 1.55
N VAL B 456 21.68 -40.63 1.93
CA VAL B 456 21.94 -39.35 1.27
C VAL B 456 23.36 -39.30 0.69
N GLY B 457 24.00 -40.45 0.52
CA GLY B 457 25.38 -40.48 0.07
C GLY B 457 26.26 -41.12 1.11
N SER B 458 27.56 -41.07 0.86
CA SER B 458 28.49 -41.71 1.78
C SER B 458 29.17 -40.74 2.74
N VAL B 459 29.05 -39.43 2.52
CA VAL B 459 29.81 -38.48 3.32
C VAL B 459 29.30 -38.44 4.75
N SER B 460 30.24 -38.38 5.69
CA SER B 460 29.90 -38.46 7.11
C SER B 460 29.20 -37.19 7.59
N ALA B 461 28.38 -37.34 8.63
CA ALA B 461 27.67 -36.20 9.18
C ALA B 461 28.65 -35.17 9.74
N GLU B 462 29.77 -35.62 10.30
CA GLU B 462 30.76 -34.71 10.87
C GLU B 462 31.49 -33.91 9.80
N ASP B 463 31.80 -34.53 8.66
CA ASP B 463 32.42 -33.76 7.61
C ASP B 463 31.44 -32.76 7.01
N LEU B 464 30.15 -33.12 6.95
CA LEU B 464 29.17 -32.21 6.39
C LEU B 464 28.92 -31.03 7.34
N TYR B 465 28.80 -31.32 8.64
CA TYR B 465 28.71 -30.27 9.65
C TYR B 465 29.87 -29.28 9.52
N LYS B 466 31.10 -29.79 9.47
CA LYS B 466 32.26 -28.89 9.43
C LYS B 466 32.28 -28.10 8.14
N GLN B 467 31.84 -28.72 7.03
CA GLN B 467 31.74 -27.99 5.78
C GLN B 467 30.69 -26.87 5.88
N GLY B 468 29.61 -27.13 6.62
CA GLY B 468 28.57 -26.12 6.77
C GLY B 468 29.04 -24.95 7.61
N VAL B 469 29.70 -25.24 8.74
CA VAL B 469 30.24 -24.19 9.58
C VAL B 469 31.24 -23.36 8.81
N ARG B 470 32.13 -24.02 8.06
CA ARG B 470 33.09 -23.29 7.24
C ARG B 470 32.38 -22.42 6.19
N ALA B 471 31.38 -23.00 5.51
CA ALA B 471 30.66 -22.22 4.52
C ALA B 471 29.94 -21.04 5.16
N ALA B 472 29.44 -21.22 6.38
CA ALA B 472 28.68 -20.15 7.01
C ALA B 472 29.60 -19.00 7.44
N ILE B 473 30.83 -19.34 7.82
CA ILE B 473 31.82 -18.31 8.14
C ILE B 473 32.26 -17.60 6.86
N ASP B 474 32.60 -18.37 5.82
CA ASP B 474 32.99 -17.75 4.56
C ASP B 474 31.85 -16.92 3.97
N PHE B 475 30.60 -17.29 4.25
CA PHE B 475 29.44 -16.54 3.75
C PHE B 475 29.51 -15.07 4.16
N LEU B 476 29.89 -14.80 5.41
CA LEU B 476 30.00 -13.41 5.86
C LEU B 476 31.15 -12.70 5.17
N THR B 477 32.26 -13.40 4.91
CA THR B 477 33.39 -12.79 4.23
C THR B 477 33.04 -12.45 2.79
N ASP B 478 32.41 -13.38 2.08
CA ASP B 478 32.12 -13.21 0.65
C ASP B 478 31.02 -12.18 0.40
N ASN B 479 29.99 -12.12 1.22
CA ASN B 479 28.84 -11.28 0.89
C ASN B 479 28.72 -10.02 1.70
N TYR B 480 29.39 -9.92 2.85
CA TYR B 480 29.27 -8.74 3.69
C TYR B 480 30.59 -8.07 3.99
N GLY B 481 31.67 -8.46 3.31
CA GLY B 481 32.93 -7.75 3.47
C GLY B 481 33.62 -7.97 4.79
N CYS B 482 33.22 -8.98 5.56
CA CYS B 482 33.85 -9.21 6.85
C CYS B 482 35.26 -9.77 6.66
N THR B 483 36.07 -9.64 7.72
CA THR B 483 37.44 -10.14 7.69
C THR B 483 37.41 -11.66 7.53
N ALA B 484 38.34 -12.18 6.70
CA ALA B 484 38.42 -13.62 6.50
C ALA B 484 38.86 -14.33 7.78
N THR B 485 38.48 -15.60 7.88
CA THR B 485 38.93 -16.50 8.94
C THR B 485 39.91 -17.49 8.31
N THR B 486 41.05 -17.71 8.98
CA THR B 486 42.07 -18.59 8.42
C THR B 486 41.80 -20.05 8.81
N ASP B 487 42.46 -20.96 8.11
CA ASP B 487 42.34 -22.38 8.42
C ASP B 487 42.69 -22.65 9.88
N ALA B 488 43.75 -22.01 10.37
CA ALA B 488 44.17 -22.22 11.76
C ALA B 488 43.14 -21.65 12.72
N GLU B 489 42.62 -20.45 12.43
CA GLU B 489 41.55 -19.91 13.27
C GLU B 489 40.33 -20.82 13.22
N PHE B 490 39.96 -21.29 12.02
CA PHE B 490 38.84 -22.23 11.93
C PHE B 490 39.11 -23.50 12.73
N ASP B 491 40.31 -24.08 12.57
CA ASP B 491 40.59 -25.37 13.22
C ASP B 491 40.56 -25.24 14.75
N ALA B 492 41.06 -24.11 15.28
CA ALA B 492 41.01 -23.92 16.72
C ALA B 492 39.57 -23.92 17.22
N PHE B 493 38.69 -23.24 16.50
CA PHE B 493 37.29 -23.17 16.90
C PHE B 493 36.63 -24.54 16.78
N ILE B 494 36.75 -25.16 15.61
CA ILE B 494 36.01 -26.39 15.34
C ILE B 494 36.51 -27.55 16.20
N GLN B 495 37.79 -27.52 16.62
CA GLN B 495 38.31 -28.58 17.46
C GLN B 495 37.97 -28.38 18.93
N ASP B 496 37.39 -27.24 19.31
CA ASP B 496 37.00 -27.02 20.70
C ASP B 496 35.49 -26.84 20.85
N LYS B 497 35.05 -25.62 21.14
CA LYS B 497 33.64 -25.42 21.38
C LYS B 497 32.80 -25.47 20.10
N GLY B 498 33.40 -25.39 18.92
CA GLY B 498 32.64 -25.63 17.71
C GLY B 498 32.48 -27.10 17.29
N ALA B 499 32.84 -28.05 18.15
CA ALA B 499 32.91 -29.44 17.73
C ALA B 499 31.51 -30.05 17.55
N PHE B 500 31.49 -31.18 16.87
CA PHE B 500 30.23 -31.79 16.43
C PHE B 500 29.46 -32.45 17.56
N GLY B 501 30.17 -33.08 18.49
CA GLY B 501 29.51 -33.84 19.55
C GLY B 501 29.61 -35.33 19.32
N HIS B 502 29.28 -36.09 20.36
CA HIS B 502 29.42 -37.53 20.29
C HIS B 502 28.18 -38.30 20.74
N THR B 503 27.00 -37.66 20.73
CA THR B 503 25.72 -38.36 20.77
C THR B 503 24.85 -37.77 19.67
N ASP B 504 23.71 -38.40 19.41
CA ASP B 504 22.81 -37.91 18.36
C ASP B 504 22.24 -36.55 18.73
N ASN B 505 21.77 -36.40 19.97
CA ASN B 505 21.22 -35.13 20.44
C ASN B 505 22.27 -34.03 20.45
N GLN B 506 23.49 -34.35 20.86
CA GLN B 506 24.56 -33.38 20.76
C GLN B 506 24.78 -32.97 19.32
N LYS B 507 24.68 -33.93 18.39
CA LYS B 507 24.97 -33.61 17.00
C LYS B 507 23.84 -32.78 16.39
N LEU B 508 22.60 -33.04 16.79
CA LEU B 508 21.47 -32.28 16.29
C LEU B 508 21.51 -30.87 16.87
N GLU B 509 21.83 -30.75 18.17
CA GLU B 509 22.03 -29.45 18.78
C GLU B 509 23.11 -28.67 18.06
N ALA B 510 24.27 -29.28 17.84
CA ALA B 510 25.37 -28.58 17.19
C ALA B 510 24.94 -28.10 15.80
N ILE B 511 24.34 -29.00 15.02
CA ILE B 511 23.99 -28.65 13.64
C ILE B 511 23.02 -27.47 13.61
N ASN B 512 21.99 -27.50 14.46
CA ASN B 512 20.95 -26.49 14.38
C ASN B 512 21.27 -25.25 15.18
N THR B 513 22.18 -25.34 16.15
CA THR B 513 22.75 -24.14 16.74
C THR B 513 23.60 -23.41 15.71
N GLN B 514 24.29 -24.15 14.84
CA GLN B 514 25.08 -23.48 13.81
C GLN B 514 24.20 -22.98 12.67
N ALA B 515 23.07 -23.67 12.38
CA ALA B 515 22.16 -23.13 11.38
C ALA B 515 21.55 -21.81 11.84
N TRP B 516 21.20 -21.74 13.13
CA TRP B 516 20.67 -20.52 13.74
C TRP B 516 21.61 -19.34 13.51
N ILE B 517 22.92 -19.53 13.74
CA ILE B 517 23.89 -18.46 13.49
C ILE B 517 23.88 -18.07 12.02
N LEU B 518 23.92 -19.06 11.14
CA LEU B 518 23.88 -18.82 9.70
C LEU B 518 22.65 -18.03 9.27
N HIS B 519 21.50 -18.33 9.87
CA HIS B 519 20.25 -17.71 9.46
C HIS B 519 20.03 -16.34 10.09
N PHE B 520 21.04 -15.75 10.71
CA PHE B 520 20.88 -14.41 11.27
C PHE B 520 20.41 -13.42 10.21
N THR B 521 20.92 -13.53 9.00
CA THR B 521 20.48 -12.65 7.93
C THR B 521 19.29 -13.22 7.14
N ASN B 522 18.61 -14.24 7.67
CA ASN B 522 17.42 -14.82 7.04
C ASN B 522 16.40 -15.08 8.15
N PRO B 523 15.80 -14.02 8.69
CA PRO B 523 15.01 -14.18 9.92
C PRO B 523 13.80 -15.09 9.77
N ALA B 524 13.18 -15.14 8.60
CA ALA B 524 12.07 -16.08 8.41
C ALA B 524 12.54 -17.52 8.58
N GLU B 525 13.62 -17.89 7.90
CA GLU B 525 14.13 -19.24 8.03
C GLU B 525 14.68 -19.48 9.44
N CYS B 526 15.33 -18.48 10.04
CA CYS B 526 15.82 -18.65 11.40
C CYS B 526 14.71 -19.04 12.35
N TRP B 527 13.58 -18.31 12.32
CA TRP B 527 12.50 -18.62 13.24
C TRP B 527 11.88 -19.99 12.94
N ALA B 528 11.78 -20.35 11.65
CA ALA B 528 11.18 -21.64 11.31
C ALA B 528 12.04 -22.78 11.84
N ASN B 529 13.35 -22.71 11.62
CA ASN B 529 14.21 -23.82 12.03
C ASN B 529 14.37 -23.90 13.55
N VAL B 530 14.34 -22.76 14.25
CA VAL B 530 14.35 -22.84 15.71
C VAL B 530 13.11 -23.57 16.20
N ARG B 531 11.93 -23.22 15.68
CA ARG B 531 10.71 -23.87 16.11
C ARG B 531 10.71 -25.34 15.72
N ARG B 532 11.18 -25.65 14.51
CA ARG B 532 11.14 -27.02 14.03
C ARG B 532 12.13 -27.89 14.79
N SER B 533 13.40 -27.46 14.83
CA SER B 533 14.45 -28.28 15.42
C SER B 533 14.41 -28.31 16.94
N GLY B 534 13.83 -27.29 17.58
CA GLY B 534 13.96 -27.15 19.02
C GLY B 534 15.30 -26.61 19.46
N TYR B 535 16.20 -26.30 18.54
CA TYR B 535 17.51 -25.80 18.88
C TYR B 535 17.75 -24.43 18.27
N PRO B 536 18.40 -23.52 19.01
CA PRO B 536 18.84 -23.74 20.41
C PRO B 536 17.66 -23.71 21.37
N LYS B 537 17.84 -24.27 22.55
CA LYS B 537 16.75 -24.36 23.50
C LYS B 537 16.59 -22.99 24.15
N LEU B 538 15.69 -22.19 23.61
CA LEU B 538 15.51 -20.83 24.11
C LEU B 538 14.59 -20.83 25.32
N LYS B 539 14.88 -19.95 26.28
CA LYS B 539 14.04 -19.78 27.45
C LYS B 539 13.20 -18.52 27.33
N SER B 540 11.97 -18.59 27.86
CA SER B 540 11.08 -17.44 27.95
C SER B 540 11.78 -16.28 28.65
N PRO B 541 11.53 -15.03 28.22
CA PRO B 541 11.99 -13.87 28.99
C PRO B 541 11.60 -13.92 30.46
N ALA B 542 10.56 -14.71 30.80
CA ALA B 542 10.19 -14.87 32.20
C ALA B 542 11.34 -15.43 33.02
N GLU B 543 12.18 -16.27 32.42
CA GLU B 543 13.30 -16.85 33.15
C GLU B 543 14.41 -15.85 33.36
N TYR B 544 14.37 -14.70 32.70
CA TYR B 544 15.35 -13.65 32.89
C TYR B 544 14.84 -12.54 33.78
N GLY B 545 13.65 -12.71 34.35
CA GLY B 545 13.09 -11.72 35.24
C GLY B 545 12.04 -10.80 34.68
N PHE B 546 11.67 -10.94 33.40
CA PHE B 546 10.72 -10.03 32.77
C PHE B 546 9.32 -10.65 32.64
N GLY B 547 8.99 -11.63 33.48
CA GLY B 547 7.73 -12.34 33.32
C GLY B 547 6.51 -11.48 33.62
N GLN B 548 6.68 -10.44 34.42
CA GLN B 548 5.54 -9.58 34.73
C GLN B 548 5.11 -8.75 33.53
N TYR B 549 5.93 -8.70 32.48
CA TYR B 549 5.64 -7.85 31.33
C TYR B 549 5.01 -8.61 30.17
N LEU B 550 4.88 -9.93 30.27
CA LEU B 550 4.51 -10.75 29.11
C LEU B 550 3.00 -10.81 28.98
N THR B 551 2.43 -9.70 28.47
CA THR B 551 0.98 -9.58 28.36
C THR B 551 0.39 -10.67 27.47
N GLY B 552 1.13 -11.09 26.46
CA GLY B 552 0.61 -12.10 25.57
C GLY B 552 0.91 -13.52 25.94
N GLY B 553 1.33 -13.79 27.18
CA GLY B 553 1.59 -15.13 27.61
C GLY B 553 3.07 -15.35 27.87
N THR B 554 3.35 -16.39 28.66
CA THR B 554 4.72 -16.67 29.12
C THR B 554 5.59 -17.26 28.02
N GLU B 555 5.07 -18.24 27.28
CA GLU B 555 5.89 -18.97 26.33
C GLU B 555 6.10 -18.15 25.08
N ILE B 556 7.27 -18.33 24.46
CA ILE B 556 7.59 -17.63 23.22
C ILE B 556 6.59 -18.06 22.17
N PRO B 557 5.87 -17.12 21.55
CA PRO B 557 4.92 -17.47 20.49
C PRO B 557 5.56 -18.37 19.46
N VAL B 558 4.73 -19.24 18.87
CA VAL B 558 5.17 -20.20 17.87
C VAL B 558 4.54 -19.95 16.52
N ARG B 559 3.63 -18.98 16.42
CA ARG B 559 3.09 -18.56 15.13
C ARG B 559 2.59 -17.14 15.33
N LEU B 560 2.11 -16.54 14.25
CA LEU B 560 1.45 -15.24 14.33
C LEU B 560 -0.02 -15.40 13.96
N CYS B 561 -0.85 -14.48 14.46
CA CYS B 561 -2.30 -14.54 14.25
C CYS B 561 -2.69 -13.91 12.91
N TYR B 562 -3.84 -14.35 12.39
CA TYR B 562 -4.38 -13.79 11.15
C TYR B 562 -4.81 -12.35 11.38
N PRO B 563 -4.78 -11.54 10.32
CA PRO B 563 -5.31 -10.16 10.43
C PRO B 563 -6.79 -10.16 10.81
N VAL B 564 -7.15 -9.17 11.65
CA VAL B 564 -8.54 -8.96 12.01
C VAL B 564 -9.41 -8.81 10.76
N LEU B 565 -8.85 -8.20 9.71
CA LEU B 565 -9.59 -8.02 8.46
C LEU B 565 -10.21 -9.34 8.02
N GLU B 566 -9.41 -10.41 8.01
CA GLU B 566 -9.88 -11.70 7.52
C GLU B 566 -11.07 -12.21 8.32
N SER B 567 -11.05 -12.02 9.64
CA SER B 567 -12.17 -12.45 10.46
C SER B 567 -13.46 -11.73 10.10
N SER B 568 -13.38 -10.51 9.58
CA SER B 568 -14.63 -9.84 9.21
C SER B 568 -14.99 -9.99 7.74
N TYR B 569 -13.98 -10.02 6.85
CA TYR B 569 -14.25 -9.92 5.43
C TYR B 569 -13.83 -11.13 4.63
N ASN B 570 -13.34 -12.17 5.29
CA ASN B 570 -13.16 -13.50 4.71
C ASN B 570 -13.63 -14.52 5.74
N LYS B 571 -14.86 -14.32 6.23
CA LYS B 571 -15.28 -14.88 7.51
C LYS B 571 -15.36 -16.40 7.46
N LYS B 572 -16.03 -16.93 6.45
CA LYS B 572 -16.20 -18.37 6.35
C LYS B 572 -14.86 -19.08 6.32
N SER B 573 -13.92 -18.59 5.49
CA SER B 573 -12.61 -19.20 5.37
C SER B 573 -11.86 -19.14 6.69
N TYR B 574 -11.85 -17.98 7.33
CA TYR B 574 -11.17 -17.80 8.62
C TYR B 574 -11.77 -18.72 9.68
N ASN B 575 -13.11 -18.76 9.75
CA ASN B 575 -13.77 -19.62 10.73
C ASN B 575 -13.39 -21.07 10.52
N GLU B 576 -13.33 -21.52 9.27
CA GLU B 576 -12.86 -22.87 9.00
C GLU B 576 -11.46 -23.08 9.57
N ALA B 577 -10.58 -22.10 9.40
CA ALA B 577 -9.19 -22.25 9.83
C ALA B 577 -9.09 -22.30 11.35
N ILE B 578 -9.78 -21.42 12.07
CA ILE B 578 -9.56 -21.43 13.51
C ILE B 578 -10.27 -22.62 14.16
N GLU B 579 -11.33 -23.16 13.54
CA GLU B 579 -11.95 -24.37 14.10
C GLU B 579 -11.01 -25.58 14.03
N ARG B 580 -10.12 -25.62 13.03
CA ARG B 580 -9.07 -26.64 13.00
C ARG B 580 -8.07 -26.52 14.14
N MET B 581 -8.01 -25.36 14.80
CA MET B 581 -7.15 -25.14 15.95
C MET B 581 -7.98 -25.11 17.23
N GLY B 582 -9.18 -25.69 17.21
CA GLY B 582 -9.99 -25.73 18.41
C GLY B 582 -10.83 -24.51 18.67
N GLY B 583 -11.00 -23.63 17.70
CA GLY B 583 -11.94 -22.52 17.83
C GLY B 583 -11.35 -21.18 18.16
N THR B 584 -10.01 -21.05 18.22
CA THR B 584 -9.32 -19.84 18.62
C THR B 584 -8.15 -19.59 17.69
N ASP B 585 -7.73 -18.32 17.59
CA ASP B 585 -6.57 -17.87 16.82
C ASP B 585 -5.54 -17.44 17.86
N ASN B 586 -4.66 -18.36 18.22
CA ASN B 586 -3.77 -18.18 19.36
C ASN B 586 -2.32 -18.32 18.91
N TRP B 587 -1.50 -17.34 19.27
CA TRP B 587 -0.11 -17.46 18.80
C TRP B 587 0.72 -18.43 19.64
N HIS B 588 0.12 -19.10 20.62
CA HIS B 588 0.79 -20.24 21.26
C HIS B 588 0.43 -21.56 20.62
N SER B 589 -0.45 -21.54 19.63
CA SER B 589 -0.90 -22.77 19.00
C SER B 589 0.17 -23.25 18.00
N LEU B 590 0.68 -24.46 18.21
CA LEU B 590 1.76 -24.98 17.36
C LEU B 590 1.30 -25.15 15.92
N LEU B 591 2.17 -24.82 14.98
CA LEU B 591 1.90 -25.10 13.58
C LEU B 591 1.90 -26.60 13.35
N TRP B 592 1.31 -27.01 12.21
CA TRP B 592 1.21 -28.43 11.88
C TRP B 592 2.57 -29.12 11.90
N TRP B 593 3.63 -28.48 11.39
CA TRP B 593 4.92 -29.19 11.35
C TRP B 593 5.74 -29.03 12.62
N ASP B 594 5.23 -28.33 13.63
CA ASP B 594 5.95 -28.10 14.88
C ASP B 594 5.41 -29.07 15.92
N THR B 595 6.10 -30.21 16.07
CA THR B 595 5.72 -31.27 17.01
C THR B 595 6.94 -31.68 17.84
N GLU B 596 6.66 -32.39 18.93
CA GLU B 596 7.67 -32.72 19.95
C GLU B 596 8.89 -33.49 19.44
C1 HED C . -6.53 20.62 16.20
O1 HED C . -6.66 20.35 14.81
C2 HED C . -7.80 21.30 16.72
S3 HED C . -8.22 20.76 18.41
S4 HED C . -9.91 21.81 18.90
C5 HED C . -10.15 21.49 20.67
C6 HED C . -11.60 21.48 21.11
O6 HED C . -11.66 20.84 22.37
C1 HED D . 0.10 3.55 0.60
O1 HED D . 0.81 3.17 1.75
C2 HED D . -1.33 3.00 0.67
S3 HED D . -2.01 2.69 -0.98
S4 HED D . -2.90 0.86 -0.95
C5 HED D . -2.16 -0.06 -2.33
C6 HED D . -1.76 -1.47 -1.96
O6 HED D . -0.68 -1.88 -2.79
C1 HED E . -24.29 -0.22 18.48
O1 HED E . -23.49 0.50 19.39
C2 HED E . -25.73 0.27 18.53
S3 HED E . -26.66 -0.34 17.09
S4 HED E . -28.62 -0.45 17.63
C5 HED E . -29.38 -1.78 16.67
C6 HED E . -28.85 -3.15 17.06
O6 HED E . -28.83 -3.98 15.91
C1 BME F . -40.63 15.92 -5.22
C2 BME F . -40.92 15.27 -3.87
O1 BME F . -40.34 14.88 -6.14
S2 BME F . -41.32 16.56 -2.66
C1 BME G . -2.50 -1.49 -8.33
C2 BME G . -2.07 -0.71 -9.59
O1 BME G . -1.82 -0.95 -7.20
S2 BME G . -3.29 -1.02 -10.91
S SO4 H . -39.39 11.01 13.43
O1 SO4 H . -40.45 11.15 12.44
O2 SO4 H . -38.67 9.77 13.15
O3 SO4 H . -38.47 12.13 13.32
O4 SO4 H . -39.92 10.95 14.78
S SO4 I . -30.28 40.08 0.09
O1 SO4 I . -31.09 38.93 -0.31
O2 SO4 I . -29.63 40.66 -1.08
O3 SO4 I . -31.17 41.06 0.71
O4 SO4 I . -29.24 39.69 1.04
S SO4 J . -18.36 32.86 3.91
O1 SO4 J . -19.14 33.36 2.77
O2 SO4 J . -17.45 31.82 3.46
O3 SO4 J . -17.60 33.97 4.49
O4 SO4 J . -19.26 32.32 4.92
S SO4 K . 17.52 7.23 -20.01
O1 SO4 K . 17.55 6.93 -21.44
O2 SO4 K . 18.13 6.13 -19.27
O3 SO4 K . 18.26 8.47 -19.78
O4 SO4 K . 16.14 7.39 -19.57
S SO4 L . -28.63 43.21 -5.32
O1 SO4 L . -28.26 43.47 -6.70
O2 SO4 L . -28.35 41.83 -4.98
O3 SO4 L . -27.86 44.07 -4.42
O4 SO4 L . -30.06 43.48 -5.14
S SO4 M . 30.36 30.28 -18.79
O1 SO4 M . 31.44 29.90 -19.69
O2 SO4 M . 29.45 29.16 -18.61
O3 SO4 M . 29.62 31.41 -19.38
O4 SO4 M . 30.92 30.69 -17.50
C1 GOL N . -11.37 19.77 -5.10
O1 GOL N . -10.25 19.50 -4.39
C2 GOL N . -11.10 19.25 -6.49
O2 GOL N . -12.23 18.83 -7.09
C3 GOL N . -10.40 20.43 -7.20
O3 GOL N . -10.01 20.00 -8.47
C1 GOL O . -18.57 4.33 -16.30
O1 GOL O . -17.74 3.98 -15.22
C2 GOL O . -18.21 3.37 -17.47
O2 GOL O . -17.99 2.05 -17.09
C3 GOL O . -19.39 3.55 -18.46
O3 GOL O . -18.84 3.54 -19.75
C1 GOL P . 13.97 15.76 9.90
O1 GOL P . 12.84 14.93 9.95
C2 GOL P . 14.65 15.52 8.50
O2 GOL P . 13.85 14.82 7.62
C3 GOL P . 15.05 16.93 8.01
O3 GOL P . 14.09 17.81 8.47
C1 GOL Q . -28.03 38.40 -13.35
O1 GOL Q . -27.31 39.48 -12.82
C2 GOL Q . -28.68 38.86 -14.69
O2 GOL Q . -27.94 38.55 -15.83
C3 GOL Q . -30.05 38.16 -14.65
O3 GOL Q . -29.86 36.97 -15.30
C1 GOL R . -41.75 9.57 -6.22
O1 GOL R . -42.83 9.88 -5.41
C2 GOL R . -41.73 8.03 -6.44
O2 GOL R . -40.65 7.61 -7.15
C3 GOL R . -41.78 7.41 -5.03
O3 GOL R . -41.44 6.05 -5.23
N1 AZI S . 5.53 27.01 -6.56
N2 AZI S . 4.80 26.10 -6.55
N3 AZI S . 4.08 25.19 -6.52
C1 HED T . 2.95 1.06 -0.30
O1 HED T . 2.69 1.00 -1.68
C2 HED T . 3.47 -0.29 0.17
S3 HED T . 2.30 -1.64 -0.15
S4 HED T . 2.11 -2.60 1.65
C5 HED T . 0.38 -2.41 2.20
C6 HED T . -0.65 -3.00 1.24
O6 HED T . -1.92 -2.40 1.48
C1 BME U . 6.85 -0.54 -5.67
C2 BME U . 5.47 -1.20 -5.49
O1 BME U . 7.60 -1.33 -6.59
S2 BME U . 4.35 -0.05 -4.64
C1 BME V . -3.05 -27.61 12.88
C2 BME V . -3.96 -27.15 11.74
O1 BME V . -3.52 -27.03 14.07
S2 BME V . -2.93 -27.11 10.25
C1 BME W . 31.57 -10.71 28.99
C2 BME W . 30.88 -11.82 28.18
O1 BME W . 32.45 -9.98 28.14
S2 BME W . 29.13 -11.40 28.09
S SO4 X . -4.54 -20.56 -24.53
O1 SO4 X . -5.29 -20.64 -25.77
O2 SO4 X . -3.44 -21.54 -24.55
O3 SO4 X . -4.00 -19.21 -24.42
O4 SO4 X . -5.42 -20.84 -23.40
S SO4 Y . 22.20 -36.95 25.08
O1 SO4 Y . 22.18 -38.32 24.57
O2 SO4 Y . 23.22 -36.21 24.33
O3 SO4 Y . 20.88 -36.36 24.92
O4 SO4 Y . 22.54 -36.93 26.50
S SO4 Z . 39.68 14.78 14.70
O1 SO4 Z . 38.36 15.05 14.13
O2 SO4 Z . 40.30 13.70 13.95
O3 SO4 Z . 40.50 15.98 14.63
O4 SO4 Z . 39.56 14.36 16.10
S SO4 AA . 11.05 -29.83 20.59
O1 SO4 AA . 10.49 -29.14 19.43
O2 SO4 AA . 12.44 -30.19 20.31
O3 SO4 AA . 11.00 -28.95 21.75
O4 SO4 AA . 10.28 -31.03 20.86
S SO4 BA . -4.34 -11.75 -23.68
O1 SO4 BA . -5.33 -12.71 -24.16
O2 SO4 BA . -3.20 -11.74 -24.58
O3 SO4 BA . -4.94 -10.42 -23.61
O4 SO4 BA . -3.90 -12.12 -22.34
C1 GOL CA . 10.85 -19.54 6.29
O1 GOL CA . 9.51 -19.69 6.34
C2 GOL CA . 11.30 -19.61 4.81
O2 GOL CA . 12.64 -19.46 4.69
C3 GOL CA . 10.77 -21.01 4.29
O3 GOL CA . 11.28 -21.19 2.98
C1 GOL DA . 24.08 -7.60 -3.26
O1 GOL DA . 22.91 -6.94 -2.86
C2 GOL DA . 24.44 -7.07 -4.66
O2 GOL DA . 23.99 -5.79 -4.92
C3 GOL DA . 25.99 -7.17 -4.69
O3 GOL DA . 26.33 -7.80 -5.89
C1 GOL EA . 24.63 4.10 23.38
O1 GOL EA . 25.02 2.82 22.95
C2 GOL EA . 23.61 4.63 22.33
O2 GOL EA . 22.86 5.72 22.80
C3 GOL EA . 24.49 4.96 21.10
O3 GOL EA . 23.92 4.33 19.98
C1 GOL FA . 29.22 -39.32 12.82
O1 GOL FA . 27.85 -39.10 12.89
C2 GOL FA . 29.67 -39.12 11.35
O2 GOL FA . 31.00 -38.84 11.24
C3 GOL FA . 29.31 -40.44 10.67
O3 GOL FA . 28.33 -40.17 9.70
N1 AZI GA . 27.23 -24.69 20.56
N2 AZI GA . 26.40 -25.09 21.28
N3 AZI GA . 25.60 -25.48 22.02
N1 AZI HA . 0.66 -10.43 32.46
N2 AZI HA . 1.44 -11.18 32.87
N3 AZI HA . 2.22 -11.94 33.27
#